data_8VRF
#
_entry.id   8VRF
#
_cell.length_a   130.057
_cell.length_b   92.709
_cell.length_c   100.550
_cell.angle_alpha   90.00
_cell.angle_beta   120.44
_cell.angle_gamma   90.00
#
_symmetry.space_group_name_H-M   'C 1 2 1'
#
loop_
_entity.id
_entity.type
_entity.pdbx_description
1 polymer 'Sucrose-phosphate synthase-like protein'
2 non-polymer 'CALCIUM ION'
3 non-polymer GLYCEROL
4 non-polymer "URIDINE-5'-DIPHOSPHATE-GLUCOSE"
5 water water
#
_entity_poly.entity_id   1
_entity_poly.type   'polypeptide(L)'
_entity_poly.pdbx_seq_one_letter_code
;MAKEWLIFALGTNNWQGPGQFAPGSGILHQGQHIAMNSLEKCHCYSIWPSDLQKTPTDRDDYRVYEIPHPIPICESVGPQ
SSKRWHSMTDEEVTSYCDNLLKECTDFIEYIEKKHGKRINLFLAHHCFMNPVIMSEINERRVAQGIPKVPLVVFAHGTAL
KMYENEINKLPEFPMKYYDWIRGTKNIFESTGHVSGVFAVSAPQKNSFEKLFPLFPQERVAITPCGYNQLVFHRIQGMTR
EKAFGHMPQALYDGFDATQLSPVQRHVASDQCIPDVNAYDRVVVFCGRFAHWKRIDSVLKAASRWEKEDKRILTLIFGAG
SQETRKLYVDMAYQTLGLKDTFFLGPQSQPDLANVYTVADVSVFPSHDEPFGLVFIECMGCGTPVIGAKSGGPLDFVNDE
VGALVDEGTNDEVAERVYAAVKQALAEDWKKTKGAQCEQYALKKFSLASQAELMLEFVESHFTK
;
_entity_poly.pdbx_strand_id   B,A
#
loop_
_chem_comp.id
_chem_comp.type
_chem_comp.name
_chem_comp.formula
CA non-polymer 'CALCIUM ION' 'Ca 2'
GOL non-polymer GLYCEROL 'C3 H8 O3'
UPG non-polymer URIDINE-5'-DIPHOSPHATE-GLUCOSE 'C15 H24 N2 O17 P2'
#
# COMPACT_ATOMS: atom_id res chain seq x y z
N ALA A 2 -2.04 -33.49 -22.18
CA ALA A 2 -1.40 -32.74 -21.07
C ALA A 2 -2.51 -32.11 -20.22
N LYS A 3 -2.37 -32.22 -18.89
CA LYS A 3 -3.28 -31.60 -17.94
C LYS A 3 -3.11 -30.09 -17.99
N GLU A 4 -4.22 -29.36 -18.13
CA GLU A 4 -4.21 -27.91 -17.99
C GLU A 4 -4.39 -27.53 -16.51
N TRP A 5 -3.41 -26.83 -15.93
CA TRP A 5 -3.54 -26.38 -14.55
C TRP A 5 -4.00 -24.92 -14.49
N LEU A 6 -4.98 -24.69 -13.61
CA LEU A 6 -5.47 -23.38 -13.26
C LEU A 6 -5.42 -23.29 -11.73
N ILE A 7 -4.42 -22.57 -11.24
CA ILE A 7 -4.02 -22.59 -9.84
C ILE A 7 -4.30 -21.26 -9.17
N PHE A 8 -4.74 -21.35 -7.90
CA PHE A 8 -4.93 -20.20 -7.04
C PHE A 8 -4.08 -20.43 -5.77
N ALA A 9 -3.19 -19.48 -5.47
CA ALA A 9 -2.21 -19.60 -4.40
C ALA A 9 -2.40 -18.45 -3.41
N LEU A 10 -2.66 -18.85 -2.15
CA LEU A 10 -2.87 -17.93 -1.02
C LEU A 10 -1.63 -17.89 -0.16
N GLY A 11 -0.94 -16.74 -0.22
CA GLY A 11 0.29 -16.52 0.52
C GLY A 11 0.05 -15.84 1.86
N THR A 12 1.03 -15.96 2.74
CA THR A 12 0.94 -15.47 4.10
C THR A 12 1.67 -14.15 4.22
N ASN A 13 2.72 -13.98 3.41
CA ASN A 13 3.65 -12.87 3.54
C ASN A 13 3.54 -12.00 2.29
N ASN A 14 4.03 -10.76 2.39
CA ASN A 14 4.16 -9.92 1.22
C ASN A 14 5.25 -10.47 0.31
N TRP A 15 5.06 -10.20 -0.96
CA TRP A 15 6.11 -10.33 -1.96
C TRP A 15 7.08 -9.16 -1.84
N GLN A 16 8.27 -9.36 -2.41
CA GLN A 16 9.29 -8.33 -2.41
C GLN A 16 9.03 -7.35 -3.55
N GLY A 17 8.88 -6.08 -3.20
CA GLY A 17 8.53 -5.10 -4.22
C GLY A 17 9.07 -3.73 -3.85
N PRO A 18 8.73 -2.69 -4.65
CA PRO A 18 9.19 -1.33 -4.34
C PRO A 18 8.61 -1.02 -2.98
N GLY A 19 9.49 -0.76 -2.01
CA GLY A 19 9.09 -0.23 -0.73
C GLY A 19 9.03 -1.29 0.36
N GLN A 20 9.19 -2.60 0.03
CA GLN A 20 9.03 -3.62 1.06
C GLN A 20 9.74 -4.93 0.69
N PHE A 21 10.69 -5.33 1.56
CA PHE A 21 11.37 -6.60 1.42
C PHE A 21 10.46 -7.69 1.95
N ALA A 22 10.73 -8.92 1.48
CA ALA A 22 9.91 -10.07 1.82
C ALA A 22 10.74 -11.02 2.69
N PRO A 23 10.09 -11.73 3.64
CA PRO A 23 10.72 -12.88 4.29
C PRO A 23 10.88 -14.05 3.34
N GLY A 24 11.69 -15.02 3.74
CA GLY A 24 12.01 -16.13 2.88
C GLY A 24 10.76 -16.86 2.36
N SER A 25 9.70 -16.96 3.18
CA SER A 25 8.48 -17.66 2.75
C SER A 25 7.69 -16.83 1.71
N GLY A 26 7.81 -15.50 1.74
CA GLY A 26 7.25 -14.66 0.69
C GLY A 26 8.03 -14.74 -0.61
N ILE A 27 9.36 -14.82 -0.49
CA ILE A 27 10.23 -15.02 -1.64
C ILE A 27 9.86 -16.34 -2.33
N LEU A 28 9.61 -17.37 -1.51
CA LEU A 28 9.33 -18.69 -2.05
C LEU A 28 7.99 -18.65 -2.80
N HIS A 29 6.94 -18.07 -2.20
CA HIS A 29 5.64 -17.98 -2.88
C HIS A 29 5.79 -17.25 -4.21
N GLN A 30 6.47 -16.12 -4.18
CA GLN A 30 6.64 -15.31 -5.39
C GLN A 30 7.33 -16.12 -6.48
N GLY A 31 8.38 -16.82 -6.09
CA GLY A 31 9.10 -17.67 -7.03
C GLY A 31 8.26 -18.79 -7.60
N GLN A 32 7.46 -19.42 -6.77
CA GLN A 32 6.56 -20.47 -7.23
C GLN A 32 5.53 -19.95 -8.22
N HIS A 33 5.04 -18.74 -7.98
CA HIS A 33 4.12 -18.09 -8.87
C HIS A 33 4.74 -17.93 -10.26
N ILE A 34 5.90 -17.29 -10.29
CA ILE A 34 6.62 -17.08 -11.52
C ILE A 34 6.89 -18.40 -12.20
N ALA A 35 7.31 -19.42 -11.42
CA ALA A 35 7.68 -20.72 -11.96
C ALA A 35 6.50 -21.42 -12.62
N MET A 36 5.37 -21.49 -11.90
N MET A 36 5.39 -21.50 -11.87
CA MET A 36 4.22 -22.18 -12.43
CA MET A 36 4.20 -22.16 -12.36
C MET A 36 3.69 -21.46 -13.66
C MET A 36 3.73 -21.45 -13.64
N ASN A 37 3.66 -20.12 -13.61
CA ASN A 37 3.24 -19.38 -14.81
C ASN A 37 4.17 -19.58 -16.03
N SER A 38 5.40 -20.03 -15.80
N SER A 38 5.40 -20.05 -15.82
CA SER A 38 6.37 -20.31 -16.84
CA SER A 38 6.34 -20.29 -16.91
C SER A 38 5.97 -21.52 -17.68
C SER A 38 6.02 -21.57 -17.67
N LEU A 39 5.22 -22.46 -17.06
CA LEU A 39 4.98 -23.78 -17.61
C LEU A 39 3.87 -23.75 -18.66
N GLU A 40 4.04 -24.55 -19.73
CA GLU A 40 3.00 -24.68 -20.72
C GLU A 40 1.74 -25.24 -20.04
N LYS A 41 0.58 -24.73 -20.44
CA LYS A 41 -0.72 -25.18 -19.94
C LYS A 41 -0.85 -24.96 -18.43
N CYS A 42 -0.20 -23.92 -17.91
N CYS A 42 -0.15 -23.95 -17.87
CA CYS A 42 -0.36 -23.61 -16.50
CA CYS A 42 -0.32 -23.60 -16.47
C CYS A 42 -0.50 -22.10 -16.30
C CYS A 42 -0.51 -22.10 -16.32
N HIS A 43 -1.55 -21.71 -15.56
CA HIS A 43 -1.68 -20.37 -15.04
C HIS A 43 -1.76 -20.49 -13.53
N CYS A 44 -1.10 -19.55 -12.85
CA CYS A 44 -1.19 -19.42 -11.41
C CYS A 44 -1.57 -17.99 -11.05
N TYR A 45 -2.51 -17.88 -10.13
CA TYR A 45 -3.01 -16.59 -9.66
C TYR A 45 -2.75 -16.56 -8.18
N SER A 46 -2.24 -15.42 -7.66
CA SER A 46 -1.83 -15.35 -6.27
C SER A 46 -2.40 -14.13 -5.56
N ILE A 47 -2.66 -14.32 -4.28
CA ILE A 47 -3.01 -13.22 -3.39
C ILE A 47 -2.14 -13.33 -2.14
N TRP A 48 -1.81 -12.19 -1.54
CA TRP A 48 -0.95 -12.11 -0.38
C TRP A 48 -1.18 -10.77 0.30
N PRO A 49 -0.95 -10.64 1.61
CA PRO A 49 -1.23 -9.40 2.33
C PRO A 49 -0.09 -8.40 2.29
N SER A 50 -0.46 -7.11 2.41
CA SER A 50 0.54 -6.09 2.65
C SER A 50 -0.16 -4.86 3.22
N ASP A 51 0.54 -4.21 4.15
CA ASP A 51 0.13 -2.93 4.71
C ASP A 51 0.75 -1.80 3.89
N LEU A 52 1.68 -2.10 2.98
CA LEU A 52 2.40 -1.06 2.27
C LEU A 52 2.15 -1.10 0.77
N GLN A 53 2.13 -2.30 0.18
CA GLN A 53 1.96 -2.45 -1.26
C GLN A 53 0.49 -2.56 -1.64
N LYS A 54 0.20 -2.26 -2.91
CA LYS A 54 -1.17 -2.14 -3.38
C LYS A 54 -1.39 -3.07 -4.58
N THR A 55 -2.65 -3.52 -4.73
CA THR A 55 -3.02 -4.35 -5.87
C THR A 55 -2.72 -3.58 -7.15
N PRO A 56 -2.10 -4.21 -8.15
CA PRO A 56 -1.76 -3.49 -9.39
C PRO A 56 -2.99 -3.33 -10.27
N THR A 57 -3.04 -2.25 -11.06
CA THR A 57 -4.22 -2.01 -11.86
C THR A 57 -3.91 -2.29 -13.32
N ASP A 58 -2.66 -2.69 -13.62
CA ASP A 58 -2.22 -2.88 -15.00
C ASP A 58 -2.04 -4.37 -15.32
N ARG A 59 -2.24 -5.26 -14.34
CA ARG A 59 -2.02 -6.69 -14.56
C ARG A 59 -2.96 -7.47 -13.65
N ASP A 60 -3.24 -8.75 -14.03
CA ASP A 60 -4.31 -9.45 -13.33
C ASP A 60 -3.85 -10.74 -12.63
N ASP A 61 -2.56 -11.04 -12.62
CA ASP A 61 -2.07 -12.33 -12.14
C ASP A 61 -1.96 -12.40 -10.62
N TYR A 62 -1.93 -11.26 -9.93
CA TYR A 62 -1.93 -11.30 -8.47
C TYR A 62 -2.73 -10.11 -7.94
N ARG A 63 -3.18 -10.25 -6.72
CA ARG A 63 -3.80 -9.15 -5.99
C ARG A 63 -3.15 -9.06 -4.62
N VAL A 64 -3.27 -7.89 -4.00
CA VAL A 64 -2.78 -7.71 -2.65
C VAL A 64 -3.97 -7.64 -1.72
N TYR A 65 -3.90 -8.39 -0.61
CA TYR A 65 -4.83 -8.21 0.49
C TYR A 65 -4.31 -7.03 1.30
N GLU A 66 -4.94 -5.84 1.08
CA GLU A 66 -4.44 -4.59 1.64
C GLU A 66 -5.01 -4.42 3.04
N ILE A 67 -4.10 -4.27 4.01
CA ILE A 67 -4.48 -4.25 5.40
C ILE A 67 -3.89 -2.99 6.03
N PRO A 68 -4.50 -2.50 7.12
CA PRO A 68 -4.05 -1.25 7.73
C PRO A 68 -3.02 -1.45 8.83
N HIS A 69 -2.63 -2.70 9.07
CA HIS A 69 -1.68 -2.98 10.11
C HIS A 69 -0.65 -3.96 9.55
N PRO A 70 0.52 -4.14 10.20
CA PRO A 70 1.50 -5.15 9.75
C PRO A 70 0.87 -6.52 9.64
N ILE A 71 1.48 -7.38 8.84
CA ILE A 71 0.92 -8.69 8.60
C ILE A 71 1.03 -9.48 9.91
N PRO A 72 -0.04 -10.17 10.35
CA PRO A 72 0.01 -11.00 11.55
C PRO A 72 1.03 -12.11 11.35
N ILE A 73 1.76 -12.39 12.42
CA ILE A 73 2.77 -13.46 12.39
C ILE A 73 2.46 -14.46 13.50
N CYS A 74 2.79 -15.73 13.22
CA CYS A 74 2.60 -16.82 14.16
C CYS A 74 3.56 -16.71 15.35
N GLU A 75 4.86 -16.53 15.09
CA GLU A 75 5.82 -16.23 16.16
C GLU A 75 7.08 -15.55 15.58
N LYS A 83 3.55 -8.11 14.96
CA LYS A 83 2.13 -8.25 15.37
C LYS A 83 1.70 -9.72 15.38
N ARG A 84 1.68 -10.35 16.57
CA ARG A 84 1.35 -11.77 16.72
C ARG A 84 -0.16 -12.02 16.60
N TRP A 85 -0.54 -13.13 15.96
CA TRP A 85 -1.91 -13.63 16.02
C TRP A 85 -2.47 -13.66 17.46
N HIS A 86 -1.65 -14.07 18.44
CA HIS A 86 -2.16 -14.25 19.81
C HIS A 86 -2.49 -12.89 20.45
N SER A 87 -1.92 -11.81 19.91
CA SER A 87 -2.08 -10.47 20.44
C SER A 87 -3.39 -9.84 19.95
N MET A 88 -4.00 -10.43 18.93
CA MET A 88 -5.23 -9.92 18.36
C MET A 88 -6.45 -10.41 19.13
N THR A 89 -7.53 -9.62 19.12
CA THR A 89 -8.78 -10.06 19.69
C THR A 89 -9.41 -11.05 18.73
N ASP A 90 -10.27 -11.90 19.28
CA ASP A 90 -11.01 -12.86 18.49
C ASP A 90 -11.78 -12.15 17.38
N GLU A 91 -12.28 -10.92 17.63
CA GLU A 91 -13.02 -10.17 16.61
C GLU A 91 -12.09 -9.75 15.47
N GLU A 92 -10.92 -9.22 15.83
CA GLU A 92 -9.94 -8.78 14.85
C GLU A 92 -9.52 -9.96 13.97
N VAL A 93 -9.33 -11.12 14.59
CA VAL A 93 -8.92 -12.31 13.86
C VAL A 93 -10.01 -12.71 12.86
N THR A 94 -11.26 -12.77 13.35
CA THR A 94 -12.43 -13.07 12.54
C THR A 94 -12.51 -12.09 11.37
N SER A 95 -12.38 -10.76 11.60
CA SER A 95 -12.55 -9.83 10.48
C SER A 95 -11.39 -9.97 9.49
N TYR A 96 -10.16 -10.19 9.97
CA TYR A 96 -9.00 -10.36 9.10
C TYR A 96 -9.24 -11.53 8.15
N CYS A 97 -9.67 -12.66 8.75
CA CYS A 97 -9.93 -13.88 8.01
C CYS A 97 -11.15 -13.76 7.10
N ASP A 98 -12.24 -13.11 7.58
CA ASP A 98 -13.46 -13.00 6.80
C ASP A 98 -13.21 -12.16 5.55
N ASN A 99 -12.49 -11.04 5.72
CA ASN A 99 -12.20 -10.12 4.63
C ASN A 99 -11.31 -10.81 3.59
N LEU A 100 -10.33 -11.58 4.08
CA LEU A 100 -9.42 -12.29 3.20
C LEU A 100 -10.17 -13.35 2.40
N LEU A 101 -11.04 -14.12 3.06
CA LEU A 101 -11.84 -15.12 2.37
C LEU A 101 -12.66 -14.49 1.25
N LYS A 102 -13.28 -13.32 1.54
CA LYS A 102 -14.07 -12.59 0.57
C LYS A 102 -13.22 -12.14 -0.62
N GLU A 103 -12.02 -11.61 -0.37
CA GLU A 103 -11.17 -11.19 -1.47
C GLU A 103 -10.70 -12.42 -2.27
N CYS A 104 -10.44 -13.55 -1.59
CA CYS A 104 -10.12 -14.78 -2.31
C CYS A 104 -11.27 -15.21 -3.23
N THR A 105 -12.49 -15.23 -2.71
CA THR A 105 -13.59 -15.73 -3.52
C THR A 105 -13.87 -14.80 -4.70
N ASP A 106 -13.77 -13.47 -4.52
CA ASP A 106 -13.89 -12.53 -5.63
C ASP A 106 -12.82 -12.78 -6.68
N PHE A 107 -11.58 -13.07 -6.28
CA PHE A 107 -10.54 -13.32 -7.27
C PHE A 107 -10.84 -14.62 -8.02
N ILE A 108 -11.16 -15.68 -7.28
CA ILE A 108 -11.55 -16.95 -7.88
C ILE A 108 -12.66 -16.76 -8.92
N GLU A 109 -13.72 -16.03 -8.58
CA GLU A 109 -14.80 -15.77 -9.54
C GLU A 109 -14.25 -15.11 -10.80
N TYR A 110 -13.33 -14.13 -10.66
CA TYR A 110 -12.75 -13.43 -11.78
C TYR A 110 -12.02 -14.40 -12.70
N ILE A 111 -11.20 -15.27 -12.06
CA ILE A 111 -10.36 -16.21 -12.77
C ILE A 111 -11.24 -17.20 -13.52
N GLU A 112 -12.18 -17.82 -12.82
CA GLU A 112 -13.03 -18.82 -13.46
C GLU A 112 -13.84 -18.22 -14.62
N LYS A 113 -14.33 -16.99 -14.47
CA LYS A 113 -15.03 -16.33 -15.57
C LYS A 113 -14.09 -16.07 -16.75
N LYS A 114 -12.89 -15.57 -16.46
CA LYS A 114 -11.95 -15.19 -17.50
C LYS A 114 -11.58 -16.41 -18.33
N HIS A 115 -11.34 -17.55 -17.66
CA HIS A 115 -10.85 -18.75 -18.31
C HIS A 115 -11.98 -19.67 -18.80
N GLY A 116 -13.19 -19.51 -18.26
CA GLY A 116 -14.28 -20.44 -18.60
C GLY A 116 -13.94 -21.85 -18.18
N LYS A 117 -13.26 -21.93 -17.04
CA LYS A 117 -12.68 -23.14 -16.51
C LYS A 117 -12.60 -22.94 -15.00
N ARG A 118 -12.84 -24.01 -14.23
CA ARG A 118 -12.70 -23.92 -12.81
C ARG A 118 -11.25 -24.07 -12.41
N ILE A 119 -10.92 -23.43 -11.30
CA ILE A 119 -9.64 -23.67 -10.66
C ILE A 119 -9.54 -25.14 -10.30
N ASN A 120 -8.36 -25.76 -10.46
CA ASN A 120 -8.19 -27.18 -10.17
C ASN A 120 -6.96 -27.45 -9.28
N LEU A 121 -6.45 -26.39 -8.64
CA LEU A 121 -5.45 -26.54 -7.62
C LEU A 121 -5.48 -25.31 -6.73
N PHE A 122 -5.63 -25.55 -5.42
CA PHE A 122 -5.52 -24.54 -4.37
C PHE A 122 -4.22 -24.75 -3.63
N LEU A 123 -3.40 -23.69 -3.58
CA LEU A 123 -2.15 -23.68 -2.82
C LEU A 123 -2.32 -22.72 -1.64
N ALA A 124 -1.98 -23.20 -0.45
CA ALA A 124 -2.05 -22.38 0.76
C ALA A 124 -0.75 -22.44 1.56
N HIS A 125 -0.22 -21.25 1.88
CA HIS A 125 1.03 -21.15 2.62
C HIS A 125 0.77 -21.21 4.13
N HIS A 126 1.62 -21.99 4.82
CA HIS A 126 1.64 -22.23 6.25
C HIS A 126 0.44 -23.06 6.70
N CYS A 127 0.53 -23.63 7.91
CA CYS A 127 -0.43 -24.62 8.38
C CYS A 127 -1.46 -23.97 9.32
N PHE A 128 -1.90 -22.74 9.00
CA PHE A 128 -2.83 -22.03 9.88
C PHE A 128 -4.00 -21.47 9.09
N MET A 129 -4.15 -20.13 9.03
CA MET A 129 -5.40 -19.60 8.56
C MET A 129 -5.59 -19.80 7.04
N ASN A 130 -4.52 -19.97 6.28
CA ASN A 130 -4.71 -20.00 4.83
C ASN A 130 -5.44 -21.28 4.45
N PRO A 131 -5.01 -22.45 4.95
CA PRO A 131 -5.74 -23.71 4.72
C PRO A 131 -7.14 -23.69 5.33
N VAL A 132 -7.31 -22.96 6.44
CA VAL A 132 -8.65 -22.79 7.01
C VAL A 132 -9.57 -22.10 6.00
N ILE A 133 -9.08 -20.98 5.46
CA ILE A 133 -9.85 -20.19 4.52
C ILE A 133 -10.14 -21.02 3.27
N MET A 134 -9.13 -21.70 2.73
CA MET A 134 -9.31 -22.39 1.48
C MET A 134 -10.27 -23.56 1.69
N SER A 135 -10.12 -24.25 2.82
CA SER A 135 -11.01 -25.38 3.15
C SER A 135 -12.47 -24.90 3.21
N GLU A 136 -12.69 -23.72 3.78
CA GLU A 136 -14.04 -23.15 3.87
C GLU A 136 -14.52 -22.82 2.47
N ILE A 137 -13.64 -22.27 1.62
CA ILE A 137 -14.05 -21.98 0.26
C ILE A 137 -14.52 -23.26 -0.46
N ASN A 138 -13.81 -24.37 -0.25
CA ASN A 138 -14.19 -25.66 -0.81
C ASN A 138 -15.55 -26.10 -0.28
N GLU A 139 -15.78 -25.98 1.03
CA GLU A 139 -17.06 -26.37 1.61
C GLU A 139 -18.19 -25.67 0.88
N ARG A 140 -18.04 -24.37 0.63
CA ARG A 140 -19.11 -23.60 0.02
C ARG A 140 -19.36 -24.05 -1.43
N ARG A 141 -18.30 -24.49 -2.09
CA ARG A 141 -18.40 -24.99 -3.46
C ARG A 141 -19.12 -26.35 -3.49
N VAL A 142 -18.67 -27.28 -2.65
CA VAL A 142 -19.25 -28.61 -2.66
C VAL A 142 -20.74 -28.52 -2.29
N ALA A 143 -21.12 -27.52 -1.48
CA ALA A 143 -22.50 -27.25 -1.11
C ALA A 143 -23.35 -26.75 -2.28
N GLN A 144 -22.72 -26.35 -3.39
CA GLN A 144 -23.47 -25.98 -4.58
C GLN A 144 -23.27 -27.03 -5.66
N GLY A 145 -22.80 -28.23 -5.26
CA GLY A 145 -22.70 -29.34 -6.18
C GLY A 145 -21.49 -29.28 -7.10
N ILE A 146 -20.50 -28.45 -6.75
CA ILE A 146 -19.26 -28.31 -7.48
C ILE A 146 -18.17 -29.15 -6.82
N PRO A 147 -17.26 -29.79 -7.59
CA PRO A 147 -16.26 -30.68 -7.03
C PRO A 147 -15.29 -29.87 -6.20
N LYS A 148 -14.85 -30.46 -5.08
CA LYS A 148 -13.86 -29.74 -4.31
C LYS A 148 -12.58 -29.70 -5.15
N VAL A 149 -11.82 -28.63 -4.98
CA VAL A 149 -10.51 -28.59 -5.62
C VAL A 149 -9.44 -29.08 -4.64
N PRO A 150 -8.47 -29.88 -5.11
CA PRO A 150 -7.39 -30.33 -4.25
C PRO A 150 -6.68 -29.12 -3.62
N LEU A 151 -6.39 -29.25 -2.32
CA LEU A 151 -5.72 -28.22 -1.53
C LEU A 151 -4.38 -28.74 -1.03
N VAL A 152 -3.31 -28.07 -1.44
CA VAL A 152 -1.98 -28.43 -1.06
C VAL A 152 -1.43 -27.31 -0.20
N VAL A 153 -0.85 -27.70 0.94
CA VAL A 153 -0.32 -26.74 1.88
C VAL A 153 1.21 -26.74 1.89
N PHE A 154 1.76 -25.52 2.00
CA PHE A 154 3.19 -25.35 2.22
C PHE A 154 3.50 -25.09 3.69
N ALA A 155 4.17 -26.07 4.34
CA ALA A 155 4.57 -25.96 5.73
C ALA A 155 5.95 -25.32 5.81
N HIS A 156 6.00 -24.05 6.21
CA HIS A 156 7.28 -23.35 6.34
C HIS A 156 7.87 -23.49 7.73
N GLY A 157 7.02 -23.75 8.71
CA GLY A 157 7.49 -24.03 10.06
C GLY A 157 6.97 -23.07 11.12
N THR A 158 6.58 -21.84 10.78
CA THR A 158 6.21 -20.89 11.83
C THR A 158 4.87 -21.23 12.49
N ALA A 159 3.89 -21.71 11.74
CA ALA A 159 2.61 -22.07 12.33
C ALA A 159 2.84 -23.29 13.22
N LEU A 160 3.69 -24.20 12.76
CA LEU A 160 4.00 -25.39 13.52
C LEU A 160 4.66 -25.04 14.85
N LYS A 161 5.62 -24.12 14.86
CA LYS A 161 6.28 -23.68 16.07
C LYS A 161 5.29 -22.98 16.99
N MET A 162 4.35 -22.22 16.41
CA MET A 162 3.32 -21.57 17.21
C MET A 162 2.46 -22.62 17.94
N TYR A 163 2.08 -23.71 17.22
CA TYR A 163 1.29 -24.77 17.84
C TYR A 163 2.08 -25.44 18.95
N GLU A 164 3.36 -25.73 18.71
CA GLU A 164 4.22 -26.36 19.71
C GLU A 164 4.33 -25.44 20.94
N ASN A 165 4.44 -24.13 20.71
CA ASN A 165 4.49 -23.18 21.82
C ASN A 165 3.18 -23.18 22.61
N GLU A 166 2.04 -23.29 21.90
CA GLU A 166 0.74 -23.36 22.56
C GLU A 166 0.70 -24.63 23.40
N ILE A 167 1.09 -25.76 22.80
CA ILE A 167 1.04 -27.03 23.52
C ILE A 167 1.98 -26.99 24.72
N ASN A 168 3.13 -26.31 24.61
CA ASN A 168 4.16 -26.23 25.64
C ASN A 168 3.90 -25.10 26.65
N LYS A 169 2.76 -24.42 26.49
CA LYS A 169 2.27 -23.37 27.39
C LYS A 169 3.29 -22.27 27.61
N LEU A 170 3.93 -21.79 26.52
CA LEU A 170 4.84 -20.66 26.58
C LEU A 170 4.04 -19.36 26.79
N PRO A 171 4.61 -18.37 27.49
CA PRO A 171 4.01 -17.05 27.62
C PRO A 171 3.78 -16.51 26.21
N GLU A 172 2.68 -15.81 25.99
CA GLU A 172 2.43 -15.20 24.70
C GLU A 172 1.83 -16.22 23.73
N PHE A 173 1.75 -17.50 24.16
CA PHE A 173 1.03 -18.51 23.39
C PHE A 173 0.01 -19.22 24.27
N PRO A 174 -0.97 -18.51 24.85
CA PRO A 174 -2.08 -19.20 25.49
C PRO A 174 -2.78 -20.04 24.42
N MET A 175 -3.23 -21.25 24.77
CA MET A 175 -3.76 -22.18 23.78
C MET A 175 -5.02 -21.61 23.13
N LYS A 176 -5.00 -21.49 21.80
CA LYS A 176 -6.11 -20.91 21.06
C LYS A 176 -6.30 -21.61 19.71
N TYR A 177 -5.22 -21.90 18.98
CA TYR A 177 -5.34 -22.35 17.60
C TYR A 177 -5.19 -23.87 17.44
N TYR A 178 -4.19 -24.45 18.09
CA TYR A 178 -3.88 -25.85 17.80
C TYR A 178 -5.11 -26.71 18.08
N ASP A 179 -5.77 -26.52 19.24
CA ASP A 179 -6.88 -27.40 19.59
C ASP A 179 -8.05 -27.20 18.63
N TRP A 180 -8.28 -25.94 18.25
CA TRP A 180 -9.33 -25.56 17.33
C TRP A 180 -9.11 -26.21 15.95
N ILE A 181 -7.88 -26.09 15.44
CA ILE A 181 -7.61 -26.54 14.08
C ILE A 181 -7.74 -28.07 14.01
N ARG A 182 -7.51 -28.75 15.14
CA ARG A 182 -7.66 -30.21 15.20
C ARG A 182 -9.12 -30.59 15.43
N GLY A 183 -9.79 -29.94 16.39
CA GLY A 183 -10.99 -30.50 16.97
C GLY A 183 -12.27 -29.92 16.39
N THR A 184 -12.23 -28.63 16.01
CA THR A 184 -13.33 -27.97 15.35
C THR A 184 -13.19 -28.08 13.83
N LYS A 185 -12.03 -27.67 13.31
CA LYS A 185 -11.90 -27.39 11.90
C LYS A 185 -11.46 -28.66 11.16
N ASN A 186 -10.75 -29.53 11.88
CA ASN A 186 -10.34 -30.86 11.43
C ASN A 186 -9.49 -30.75 10.16
N ILE A 187 -8.63 -29.72 10.09
CA ILE A 187 -8.00 -29.39 8.82
C ILE A 187 -7.05 -30.51 8.38
N PHE A 188 -6.27 -31.06 9.30
CA PHE A 188 -5.29 -32.09 9.00
C PHE A 188 -5.66 -33.46 9.61
N GLU A 189 -6.96 -33.74 9.79
CA GLU A 189 -7.40 -34.91 10.54
C GLU A 189 -7.70 -36.09 9.63
N SER A 190 -7.87 -35.82 8.35
CA SER A 190 -7.96 -36.83 7.32
C SER A 190 -7.36 -36.23 6.05
N THR A 191 -7.83 -36.64 4.86
CA THR A 191 -7.51 -35.87 3.68
C THR A 191 -8.78 -35.22 3.15
N GLY A 192 -9.78 -35.03 4.00
CA GLY A 192 -11.06 -34.51 3.57
C GLY A 192 -10.97 -33.04 3.20
N HIS A 193 -10.12 -32.28 3.91
CA HIS A 193 -9.91 -30.87 3.66
C HIS A 193 -8.59 -30.60 2.91
N VAL A 194 -7.49 -31.29 3.28
CA VAL A 194 -6.19 -31.01 2.70
C VAL A 194 -5.69 -32.27 2.01
N SER A 195 -5.24 -32.12 0.75
CA SER A 195 -4.88 -33.26 -0.09
C SER A 195 -3.42 -33.62 0.08
N GLY A 196 -2.59 -32.64 0.48
CA GLY A 196 -1.17 -32.89 0.59
C GLY A 196 -0.47 -31.73 1.28
N VAL A 197 0.66 -32.04 1.89
CA VAL A 197 1.52 -31.04 2.46
C VAL A 197 2.93 -31.15 1.89
N PHE A 198 3.50 -30.00 1.51
CA PHE A 198 4.90 -29.90 1.17
C PHE A 198 5.58 -29.19 2.32
N ALA A 199 6.58 -29.80 2.93
CA ALA A 199 7.41 -29.11 3.89
C ALA A 199 8.77 -28.70 3.31
N VAL A 200 9.28 -27.53 3.75
CA VAL A 200 10.56 -27.04 3.24
C VAL A 200 11.70 -27.95 3.69
N SER A 201 11.60 -28.51 4.89
CA SER A 201 12.70 -29.28 5.44
C SER A 201 12.19 -30.57 6.09
N ALA A 202 13.12 -31.53 6.30
CA ALA A 202 12.85 -32.75 7.03
C ALA A 202 12.38 -32.43 8.44
N PRO A 203 13.03 -31.51 9.19
CA PRO A 203 12.55 -31.13 10.53
C PRO A 203 11.11 -30.64 10.57
N GLN A 204 10.66 -29.97 9.50
N GLN A 204 10.68 -29.95 9.51
CA GLN A 204 9.29 -29.47 9.42
CA GLN A 204 9.32 -29.47 9.38
C GLN A 204 8.34 -30.61 9.08
C GLN A 204 8.39 -30.65 9.15
N LYS A 205 8.80 -31.60 8.31
CA LYS A 205 7.96 -32.77 8.03
C LYS A 205 7.73 -33.54 9.34
N ASN A 206 8.81 -33.70 10.11
CA ASN A 206 8.77 -34.42 11.39
C ASN A 206 7.84 -33.70 12.36
N SER A 207 8.04 -32.39 12.49
CA SER A 207 7.22 -31.57 13.38
C SER A 207 5.76 -31.61 12.96
N PHE A 208 5.44 -31.50 11.65
CA PHE A 208 4.06 -31.57 11.16
C PHE A 208 3.42 -32.90 11.57
N GLU A 209 4.12 -34.00 11.34
CA GLU A 209 3.55 -35.32 11.56
C GLU A 209 3.23 -35.55 13.05
N LYS A 210 4.08 -35.04 13.94
CA LYS A 210 3.85 -35.16 15.39
C LYS A 210 2.60 -34.39 15.80
N LEU A 211 2.44 -33.18 15.28
CA LEU A 211 1.32 -32.32 15.62
C LEU A 211 0.01 -32.83 15.04
N PHE A 212 0.09 -33.40 13.80
CA PHE A 212 -1.06 -33.85 13.04
C PHE A 212 -0.93 -35.34 12.72
N PRO A 213 -1.08 -36.21 13.74
CA PRO A 213 -0.79 -37.64 13.53
C PRO A 213 -1.84 -38.43 12.76
N LEU A 214 -3.01 -37.85 12.49
CA LEU A 214 -3.99 -38.52 11.65
C LEU A 214 -3.85 -38.08 10.18
N PHE A 215 -2.90 -37.20 9.89
CA PHE A 215 -2.65 -36.88 8.49
C PHE A 215 -1.75 -37.96 7.92
N PRO A 216 -2.07 -38.58 6.77
CA PRO A 216 -1.18 -39.60 6.20
C PRO A 216 0.25 -39.12 5.94
N GLN A 217 1.23 -39.81 6.54
CA GLN A 217 2.63 -39.45 6.42
C GLN A 217 3.10 -39.47 4.97
N GLU A 218 2.45 -40.29 4.14
CA GLU A 218 2.84 -40.47 2.75
C GLU A 218 2.37 -39.27 1.93
N ARG A 219 1.49 -38.43 2.50
CA ARG A 219 1.04 -37.21 1.85
C ARG A 219 1.77 -35.98 2.36
N VAL A 220 2.86 -36.19 3.11
CA VAL A 220 3.74 -35.10 3.49
C VAL A 220 5.09 -35.33 2.81
N ALA A 221 5.47 -34.42 1.90
CA ALA A 221 6.71 -34.53 1.16
C ALA A 221 7.55 -33.27 1.34
N ILE A 222 8.80 -33.33 0.89
CA ILE A 222 9.73 -32.22 0.96
C ILE A 222 9.52 -31.34 -0.28
N THR A 223 9.34 -30.04 -0.06
CA THR A 223 9.08 -29.13 -1.16
C THR A 223 10.28 -29.15 -2.10
N PRO A 224 10.07 -29.38 -3.43
CA PRO A 224 11.14 -29.16 -4.40
C PRO A 224 11.36 -27.65 -4.55
N CYS A 225 12.42 -27.10 -3.92
CA CYS A 225 12.71 -25.66 -3.94
C CYS A 225 13.63 -25.25 -5.10
N GLY A 226 13.39 -24.07 -5.68
CA GLY A 226 14.15 -23.56 -6.81
C GLY A 226 14.61 -22.13 -6.56
N TYR A 227 15.51 -21.67 -7.44
CA TYR A 227 15.92 -20.28 -7.42
C TYR A 227 15.59 -19.65 -8.77
N ASN A 228 15.57 -18.31 -8.82
CA ASN A 228 15.27 -17.55 -10.01
C ASN A 228 16.52 -17.29 -10.83
N GLN A 229 16.82 -18.21 -11.75
CA GLN A 229 18.03 -18.15 -12.58
C GLN A 229 17.96 -16.93 -13.52
N LEU A 230 16.76 -16.40 -13.81
CA LEU A 230 16.64 -15.26 -14.68
C LEU A 230 17.26 -14.04 -14.03
N VAL A 231 17.24 -14.01 -12.69
CA VAL A 231 17.81 -12.90 -11.96
C VAL A 231 19.23 -13.28 -11.54
N PHE A 232 19.35 -14.45 -10.92
CA PHE A 232 20.64 -14.92 -10.44
C PHE A 232 21.39 -15.78 -11.44
N HIS A 233 22.18 -15.10 -12.26
CA HIS A 233 23.15 -15.74 -13.13
C HIS A 233 24.31 -14.77 -13.27
N ARG A 234 25.40 -15.27 -13.84
CA ARG A 234 26.60 -14.44 -13.98
C ARG A 234 26.28 -13.22 -14.84
N ILE A 235 26.42 -12.02 -14.26
CA ILE A 235 26.05 -10.78 -14.92
C ILE A 235 27.25 -10.29 -15.73
N GLN A 236 27.13 -10.32 -17.06
CA GLN A 236 28.27 -10.03 -17.92
C GLN A 236 28.68 -8.57 -17.77
N GLY A 237 30.01 -8.34 -17.70
CA GLY A 237 30.63 -7.03 -17.53
C GLY A 237 30.43 -6.36 -16.16
N MET A 238 29.88 -7.06 -15.16
CA MET A 238 29.65 -6.41 -13.86
C MET A 238 30.98 -6.07 -13.22
N THR A 239 31.04 -4.95 -12.49
CA THR A 239 32.21 -4.55 -11.73
C THR A 239 31.83 -4.36 -10.27
N ARG A 240 32.84 -4.29 -9.39
CA ARG A 240 32.57 -4.00 -7.99
C ARG A 240 31.92 -2.63 -7.81
N GLU A 241 32.34 -1.61 -8.58
CA GLU A 241 31.81 -0.26 -8.41
C GLU A 241 30.33 -0.21 -8.77
N LYS A 242 29.95 -0.91 -9.84
CA LYS A 242 28.56 -0.98 -10.26
C LYS A 242 27.75 -1.80 -9.26
N ALA A 243 28.30 -2.95 -8.86
CA ALA A 243 27.54 -3.89 -8.07
C ALA A 243 27.25 -3.39 -6.66
N PHE A 244 28.26 -2.84 -5.95
CA PHE A 244 27.99 -2.44 -4.57
C PHE A 244 28.63 -1.10 -4.21
N GLY A 245 29.29 -0.46 -5.17
CA GLY A 245 29.99 0.78 -4.89
C GLY A 245 29.08 1.97 -4.62
N HIS A 246 27.78 1.87 -4.93
CA HIS A 246 26.83 2.95 -4.74
C HIS A 246 25.85 2.57 -3.64
N MET A 247 26.13 1.49 -2.91
CA MET A 247 25.30 1.03 -1.81
C MET A 247 25.70 1.70 -0.51
N PRO A 248 24.81 2.54 0.08
CA PRO A 248 25.12 3.19 1.34
C PRO A 248 25.10 2.21 2.50
N GLN A 249 26.06 2.37 3.42
CA GLN A 249 26.16 1.58 4.63
C GLN A 249 24.89 1.75 5.46
N ALA A 250 24.43 0.62 5.97
CA ALA A 250 23.25 0.55 6.80
C ALA A 250 23.62 -0.03 8.15
N LEU A 251 23.70 0.82 9.19
CA LEU A 251 24.10 0.38 10.52
C LEU A 251 22.88 0.30 11.43
N TYR A 252 22.71 1.29 12.32
CA TYR A 252 21.51 1.34 13.14
C TYR A 252 21.28 2.80 13.53
N ASP A 253 20.05 3.13 13.91
CA ASP A 253 19.76 4.52 14.23
C ASP A 253 20.46 4.91 15.53
N GLY A 254 21.16 6.05 15.50
CA GLY A 254 21.94 6.51 16.64
C GLY A 254 23.37 5.96 16.67
N PHE A 255 23.78 5.24 15.60
CA PHE A 255 25.16 4.76 15.53
C PHE A 255 26.11 5.94 15.71
N ASP A 256 27.11 5.78 16.58
CA ASP A 256 28.02 6.88 16.87
C ASP A 256 29.33 6.67 16.11
N ALA A 257 29.51 7.45 15.05
CA ALA A 257 30.61 7.23 14.12
C ALA A 257 31.89 7.83 14.71
N THR A 258 31.79 8.53 15.85
CA THR A 258 33.00 9.05 16.48
C THR A 258 33.73 7.89 17.18
N GLN A 259 33.06 6.78 17.52
CA GLN A 259 33.70 5.71 18.28
C GLN A 259 34.37 4.70 17.34
N LEU A 260 35.26 5.18 16.46
CA LEU A 260 35.97 4.34 15.51
C LEU A 260 37.46 4.69 15.53
N SER A 261 38.27 3.68 15.22
CA SER A 261 39.71 3.83 15.15
C SER A 261 40.11 4.44 13.82
N PRO A 262 41.37 4.89 13.72
CA PRO A 262 41.84 5.43 12.44
C PRO A 262 41.56 4.54 11.22
N VAL A 263 41.81 3.24 11.35
CA VAL A 263 41.64 2.32 10.24
C VAL A 263 40.16 2.01 9.99
N GLN A 264 39.29 2.31 10.98
CA GLN A 264 37.85 2.10 10.89
C GLN A 264 37.13 3.30 10.30
N ARG A 265 37.85 4.32 9.87
CA ARG A 265 37.21 5.60 9.62
C ARG A 265 36.30 5.60 8.39
N HIS A 266 36.33 4.56 7.54
CA HIS A 266 35.48 4.52 6.36
C HIS A 266 34.05 4.06 6.70
N VAL A 267 33.85 3.55 7.91
CA VAL A 267 32.55 3.11 8.39
C VAL A 267 31.73 4.33 8.81
N ALA A 268 30.52 4.46 8.26
CA ALA A 268 29.69 5.63 8.44
C ALA A 268 28.30 5.36 7.92
N SER A 269 27.30 5.77 8.70
CA SER A 269 25.90 5.68 8.30
C SER A 269 25.69 6.36 6.94
N ASP A 270 25.00 5.65 6.05
CA ASP A 270 24.54 6.22 4.80
C ASP A 270 25.68 6.63 3.87
N GLN A 271 26.90 6.11 4.07
CA GLN A 271 27.99 6.40 3.15
C GLN A 271 28.41 5.14 2.41
N CYS A 272 28.79 5.28 1.14
CA CYS A 272 29.28 4.16 0.34
C CYS A 272 30.66 3.75 0.85
N ILE A 273 31.06 2.52 0.50
CA ILE A 273 32.38 2.04 0.82
C ILE A 273 33.36 2.71 -0.14
N PRO A 274 34.34 3.49 0.34
CA PRO A 274 35.32 4.07 -0.60
C PRO A 274 36.30 3.08 -1.21
N ASP A 275 36.74 3.43 -2.44
CA ASP A 275 37.78 2.75 -3.20
C ASP A 275 37.63 1.22 -3.18
N VAL A 276 36.48 0.74 -3.69
CA VAL A 276 36.19 -0.69 -3.66
C VAL A 276 37.22 -1.46 -4.49
N ASN A 277 37.87 -0.80 -5.46
CA ASN A 277 38.76 -1.48 -6.37
C ASN A 277 40.09 -1.83 -5.69
N ALA A 278 40.37 -1.21 -4.52
CA ALA A 278 41.64 -1.36 -3.82
C ALA A 278 41.72 -2.70 -3.11
N TYR A 279 40.59 -3.29 -2.74
CA TYR A 279 40.62 -4.57 -2.05
C TYR A 279 41.08 -5.67 -2.99
N ASP A 280 41.69 -6.71 -2.41
CA ASP A 280 42.21 -7.84 -3.13
C ASP A 280 41.09 -8.82 -3.48
N ARG A 281 40.25 -9.13 -2.49
CA ARG A 281 39.24 -10.18 -2.62
C ARG A 281 37.95 -9.70 -1.97
N VAL A 282 36.83 -10.35 -2.33
CA VAL A 282 35.52 -9.96 -1.81
C VAL A 282 34.79 -11.20 -1.28
N VAL A 283 34.44 -11.15 0.00
CA VAL A 283 33.70 -12.20 0.69
C VAL A 283 32.31 -11.68 1.07
N VAL A 284 31.25 -12.47 0.83
CA VAL A 284 29.89 -12.01 1.01
C VAL A 284 29.13 -12.92 1.97
N PHE A 285 28.34 -12.31 2.85
CA PHE A 285 27.27 -12.92 3.61
C PHE A 285 25.97 -12.25 3.22
N CYS A 286 24.91 -13.05 3.11
CA CYS A 286 23.53 -12.53 2.97
C CYS A 286 22.60 -13.37 3.83
N GLY A 287 21.75 -12.71 4.63
CA GLY A 287 20.75 -13.37 5.43
C GLY A 287 20.10 -12.41 6.42
N ARG A 288 18.86 -12.69 6.82
CA ARG A 288 18.31 -11.98 7.95
C ARG A 288 19.16 -12.18 9.22
N PHE A 289 19.07 -11.23 10.14
CA PHE A 289 19.94 -11.20 11.31
C PHE A 289 19.36 -12.06 12.45
N ALA A 290 19.01 -13.30 12.15
CA ALA A 290 18.54 -14.21 13.18
C ALA A 290 19.78 -14.89 13.74
N HIS A 291 19.72 -15.24 15.04
CA HIS A 291 20.88 -15.75 15.76
C HIS A 291 21.41 -17.02 15.10
N TRP A 292 20.51 -17.85 14.55
CA TRP A 292 20.92 -19.15 14.01
C TRP A 292 21.69 -18.99 12.70
N LYS A 293 21.65 -17.82 12.07
CA LYS A 293 22.45 -17.59 10.88
C LYS A 293 23.95 -17.46 11.18
N ARG A 294 24.32 -17.22 12.46
CA ARG A 294 25.67 -17.07 12.96
C ARG A 294 26.47 -16.01 12.17
N ILE A 295 25.88 -14.83 12.02
CA ILE A 295 26.63 -13.70 11.49
C ILE A 295 27.89 -13.49 12.31
N ASP A 296 27.79 -13.69 13.63
CA ASP A 296 28.97 -13.52 14.50
C ASP A 296 30.12 -14.48 14.12
N SER A 297 29.83 -15.68 13.60
CA SER A 297 30.90 -16.54 13.12
C SER A 297 31.62 -15.91 11.91
N VAL A 298 30.87 -15.22 11.03
CA VAL A 298 31.47 -14.51 9.92
C VAL A 298 32.38 -13.39 10.43
N LEU A 299 31.88 -12.60 11.38
CA LEU A 299 32.63 -11.47 11.93
C LEU A 299 33.91 -11.91 12.64
N LYS A 300 33.83 -13.00 13.40
CA LYS A 300 34.97 -13.56 14.11
C LYS A 300 36.00 -14.13 13.14
N ALA A 301 35.53 -14.75 12.05
CA ALA A 301 36.44 -15.17 11.00
C ALA A 301 37.19 -13.97 10.43
N ALA A 302 36.48 -12.88 10.10
CA ALA A 302 37.12 -11.72 9.51
C ALA A 302 38.09 -11.08 10.50
N SER A 303 37.75 -11.12 11.79
CA SER A 303 38.61 -10.59 12.83
C SER A 303 40.01 -11.22 12.71
N ARG A 304 40.07 -12.49 12.33
CA ARG A 304 41.36 -13.15 12.19
C ARG A 304 42.02 -12.73 10.87
N TRP A 305 41.29 -12.78 9.74
CA TRP A 305 41.97 -12.57 8.47
C TRP A 305 42.33 -11.12 8.21
N GLU A 306 41.61 -10.16 8.83
CA GLU A 306 41.92 -8.76 8.61
C GLU A 306 43.29 -8.37 9.16
N LYS A 307 43.84 -9.16 10.09
CA LYS A 307 45.17 -8.92 10.67
C LYS A 307 46.30 -9.25 9.68
N GLU A 308 45.99 -9.97 8.61
CA GLU A 308 47.00 -10.55 7.73
C GLU A 308 47.25 -9.64 6.52
N ASP A 309 46.48 -8.57 6.37
CA ASP A 309 46.82 -7.52 5.40
C ASP A 309 46.94 -8.09 3.98
N LYS A 310 46.36 -9.27 3.76
CA LYS A 310 45.61 -9.46 2.53
C LYS A 310 44.36 -8.63 2.76
N ARG A 311 44.07 -7.75 1.79
CA ARG A 311 42.96 -6.79 1.84
C ARG A 311 41.68 -7.49 1.38
N ILE A 312 41.00 -8.15 2.32
CA ILE A 312 39.76 -8.88 2.03
C ILE A 312 38.59 -8.01 2.45
N LEU A 313 37.70 -7.72 1.51
CA LEU A 313 36.52 -6.91 1.80
C LEU A 313 35.40 -7.88 2.15
N THR A 314 34.74 -7.70 3.30
CA THR A 314 33.62 -8.53 3.73
C THR A 314 32.37 -7.66 3.74
N LEU A 315 31.31 -8.15 3.10
CA LEU A 315 30.08 -7.42 2.90
C LEU A 315 28.96 -8.23 3.57
N ILE A 316 28.23 -7.60 4.52
CA ILE A 316 27.12 -8.19 5.26
C ILE A 316 25.81 -7.61 4.73
N PHE A 317 25.11 -8.44 3.96
CA PHE A 317 23.78 -8.10 3.49
C PHE A 317 22.71 -8.73 4.36
N GLY A 318 21.58 -8.04 4.44
CA GLY A 318 20.37 -8.54 5.06
C GLY A 318 19.84 -7.55 6.09
N ALA A 319 18.60 -7.83 6.50
CA ALA A 319 17.87 -6.96 7.42
C ALA A 319 17.92 -7.50 8.83
N GLY A 320 17.73 -6.58 9.79
CA GLY A 320 17.47 -6.96 11.16
C GLY A 320 16.74 -5.85 11.91
N SER A 321 16.16 -6.19 13.04
CA SER A 321 15.67 -5.19 13.96
C SER A 321 16.83 -4.27 14.36
N GLN A 322 16.49 -3.07 14.84
CA GLN A 322 17.46 -2.15 15.41
C GLN A 322 18.31 -2.82 16.49
N GLU A 323 17.69 -3.61 17.37
CA GLU A 323 18.40 -4.30 18.44
C GLU A 323 19.44 -5.27 17.87
N THR A 324 19.04 -6.06 16.88
CA THR A 324 19.97 -7.08 16.38
C THR A 324 21.00 -6.42 15.46
N ARG A 325 20.67 -5.31 14.79
CA ARG A 325 21.64 -4.61 13.96
C ARG A 325 22.73 -4.06 14.88
N LYS A 326 22.28 -3.55 16.04
CA LYS A 326 23.18 -2.98 17.04
C LYS A 326 24.09 -4.05 17.60
N LEU A 327 23.56 -5.25 17.86
CA LEU A 327 24.36 -6.36 18.35
C LEU A 327 25.54 -6.66 17.43
N TYR A 328 25.31 -6.73 16.10
CA TYR A 328 26.34 -7.21 15.19
C TYR A 328 27.26 -6.08 14.79
N VAL A 329 26.72 -4.89 14.66
CA VAL A 329 27.52 -3.74 14.25
C VAL A 329 28.53 -3.42 15.36
N ASP A 330 28.05 -3.35 16.60
CA ASP A 330 28.93 -3.09 17.73
C ASP A 330 29.93 -4.25 17.90
N MET A 331 29.47 -5.49 17.67
CA MET A 331 30.36 -6.65 17.73
C MET A 331 31.48 -6.48 16.70
N ALA A 332 31.13 -6.06 15.46
CA ALA A 332 32.11 -5.81 14.41
C ALA A 332 33.15 -4.78 14.83
N TYR A 333 32.70 -3.58 15.23
CA TYR A 333 33.55 -2.41 15.28
C TYR A 333 34.11 -2.20 16.68
N GLN A 334 33.38 -2.61 17.71
CA GLN A 334 33.80 -2.32 19.08
C GLN A 334 34.52 -3.54 19.65
N THR A 335 33.92 -4.74 19.54
CA THR A 335 34.49 -5.95 20.10
C THR A 335 35.62 -6.48 19.21
N LEU A 336 35.36 -6.63 17.90
CA LEU A 336 36.28 -7.37 17.05
C LEU A 336 37.27 -6.48 16.27
N GLY A 337 37.10 -5.17 16.31
CA GLY A 337 38.07 -4.30 15.66
C GLY A 337 38.09 -4.39 14.14
N LEU A 338 36.95 -4.74 13.53
CA LEU A 338 36.91 -4.89 12.08
C LEU A 338 37.00 -3.52 11.42
N LYS A 339 37.59 -3.53 10.21
CA LYS A 339 37.85 -2.34 9.41
C LYS A 339 37.57 -2.52 7.92
N ASP A 340 37.53 -3.76 7.42
CA ASP A 340 37.31 -4.07 6.02
C ASP A 340 36.01 -4.85 5.81
N THR A 341 35.14 -4.79 6.81
CA THR A 341 33.84 -5.42 6.82
C THR A 341 32.80 -4.30 6.87
N PHE A 342 31.71 -4.42 6.09
CA PHE A 342 30.72 -3.37 5.98
C PHE A 342 29.32 -4.01 5.91
N PHE A 343 28.35 -3.29 6.50
CA PHE A 343 26.94 -3.64 6.52
C PHE A 343 26.20 -2.80 5.48
N LEU A 344 25.54 -3.47 4.53
CA LEU A 344 24.93 -2.77 3.40
C LEU A 344 23.41 -2.89 3.43
N GLY A 345 22.89 -3.60 4.44
CA GLY A 345 21.47 -3.77 4.67
C GLY A 345 20.83 -4.75 3.68
N PRO A 346 19.49 -4.84 3.64
CA PRO A 346 18.82 -5.72 2.68
C PRO A 346 18.97 -5.08 1.31
N GLN A 347 18.97 -5.93 0.28
CA GLN A 347 19.12 -5.54 -1.12
C GLN A 347 18.18 -6.39 -1.98
N SER A 348 17.77 -5.78 -3.10
CA SER A 348 16.97 -6.41 -4.13
C SER A 348 17.69 -7.66 -4.64
N GLN A 349 16.92 -8.62 -5.16
CA GLN A 349 17.54 -9.80 -5.76
C GLN A 349 18.46 -9.41 -6.93
N PRO A 350 18.10 -8.51 -7.88
CA PRO A 350 19.04 -8.20 -8.95
C PRO A 350 20.34 -7.53 -8.47
N ASP A 351 20.25 -6.73 -7.39
CA ASP A 351 21.43 -6.16 -6.76
C ASP A 351 22.32 -7.28 -6.21
N LEU A 352 21.72 -8.24 -5.52
CA LEU A 352 22.50 -9.34 -4.97
C LEU A 352 23.17 -10.17 -6.08
N ALA A 353 22.47 -10.35 -7.22
CA ALA A 353 23.07 -11.08 -8.34
C ALA A 353 24.33 -10.38 -8.85
N ASN A 354 24.29 -9.06 -8.96
CA ASN A 354 25.47 -8.28 -9.31
C ASN A 354 26.60 -8.51 -8.33
N VAL A 355 26.29 -8.51 -7.03
CA VAL A 355 27.29 -8.68 -6.00
C VAL A 355 27.90 -10.07 -6.07
N TYR A 356 27.06 -11.11 -6.17
CA TYR A 356 27.57 -12.47 -6.18
C TYR A 356 28.45 -12.64 -7.41
N THR A 357 28.07 -11.98 -8.52
CA THR A 357 28.86 -12.05 -9.75
C THR A 357 30.30 -11.63 -9.47
N VAL A 358 30.52 -10.61 -8.66
CA VAL A 358 31.90 -10.13 -8.42
C VAL A 358 32.50 -10.64 -7.10
N ALA A 359 31.78 -11.45 -6.34
CA ALA A 359 32.31 -11.97 -5.08
C ALA A 359 33.25 -13.15 -5.35
N ASP A 360 34.26 -13.30 -4.49
CA ASP A 360 35.19 -14.43 -4.57
C ASP A 360 34.60 -15.69 -3.96
N VAL A 361 33.87 -15.51 -2.87
CA VAL A 361 33.21 -16.62 -2.20
C VAL A 361 32.15 -16.02 -1.29
N SER A 362 31.09 -16.79 -1.00
CA SER A 362 30.09 -16.39 -0.05
C SER A 362 30.11 -17.31 1.17
N VAL A 363 29.76 -16.75 2.33
CA VAL A 363 29.76 -17.51 3.57
C VAL A 363 28.41 -17.39 4.25
N PHE A 364 27.78 -18.53 4.49
CA PHE A 364 26.49 -18.58 5.13
C PHE A 364 26.53 -19.67 6.18
N PRO A 365 27.15 -19.44 7.36
CA PRO A 365 27.46 -20.54 8.29
C PRO A 365 26.32 -20.88 9.25
N SER A 366 25.10 -21.02 8.70
CA SER A 366 23.90 -21.20 9.49
C SER A 366 24.00 -22.48 10.32
N HIS A 367 23.32 -22.44 11.44
CA HIS A 367 22.97 -23.65 12.16
C HIS A 367 21.60 -24.13 11.72
N ASP A 368 21.54 -25.30 11.10
CA ASP A 368 20.28 -25.92 10.70
C ASP A 368 19.51 -25.05 9.70
N GLU A 369 20.18 -24.57 8.65
CA GLU A 369 19.50 -23.81 7.62
C GLU A 369 18.40 -24.70 7.05
N PRO A 370 17.12 -24.29 7.00
CA PRO A 370 16.04 -25.14 6.50
C PRO A 370 16.30 -25.69 5.09
N PHE A 371 16.56 -24.81 4.11
CA PHE A 371 16.93 -25.23 2.77
C PHE A 371 18.26 -24.55 2.41
N GLY A 372 18.19 -23.21 2.28
CA GLY A 372 19.34 -22.37 1.95
C GLY A 372 19.25 -21.80 0.53
N LEU A 373 18.19 -21.04 0.22
CA LEU A 373 18.09 -20.41 -1.09
C LEU A 373 19.32 -19.56 -1.41
N VAL A 374 19.88 -18.89 -0.38
CA VAL A 374 21.03 -18.00 -0.57
C VAL A 374 22.18 -18.73 -1.25
N PHE A 375 22.38 -20.00 -0.85
CA PHE A 375 23.41 -20.84 -1.42
C PHE A 375 23.19 -21.04 -2.92
N ILE A 376 21.96 -21.41 -3.28
CA ILE A 376 21.64 -21.73 -4.68
C ILE A 376 21.75 -20.48 -5.54
N GLU A 377 21.22 -19.38 -5.04
CA GLU A 377 21.34 -18.11 -5.76
C GLU A 377 22.80 -17.74 -6.06
N CYS A 378 23.65 -17.82 -5.05
CA CYS A 378 25.05 -17.47 -5.19
C CYS A 378 25.72 -18.42 -6.19
N MET A 379 25.54 -19.72 -6.01
CA MET A 379 26.10 -20.66 -6.98
C MET A 379 25.56 -20.39 -8.38
N GLY A 380 24.28 -20.03 -8.49
CA GLY A 380 23.71 -19.66 -9.78
C GLY A 380 24.47 -18.55 -10.50
N CYS A 381 25.12 -17.65 -9.75
CA CYS A 381 25.86 -16.54 -10.35
C CYS A 381 27.33 -16.89 -10.62
N GLY A 382 27.74 -18.12 -10.32
CA GLY A 382 29.06 -18.60 -10.67
C GLY A 382 30.04 -18.48 -9.50
N THR A 383 29.51 -18.50 -8.26
CA THR A 383 30.33 -18.16 -7.12
C THR A 383 30.25 -19.28 -6.07
N PRO A 384 31.38 -19.76 -5.54
CA PRO A 384 31.35 -20.86 -4.60
C PRO A 384 30.88 -20.41 -3.22
N VAL A 385 30.49 -21.41 -2.41
CA VAL A 385 29.75 -21.19 -1.18
C VAL A 385 30.37 -21.97 -0.02
N ILE A 386 30.40 -21.33 1.15
CA ILE A 386 30.81 -21.98 2.39
C ILE A 386 29.65 -21.97 3.36
N GLY A 387 29.33 -23.17 3.88
CA GLY A 387 28.30 -23.32 4.90
C GLY A 387 28.78 -24.15 6.10
N ALA A 388 27.83 -24.61 6.91
CA ALA A 388 28.12 -25.53 8.00
C ALA A 388 27.43 -26.86 7.71
N LYS A 389 27.96 -27.94 8.32
CA LYS A 389 27.42 -29.27 8.09
C LYS A 389 26.14 -29.48 8.88
N SER A 390 25.08 -28.75 8.49
CA SER A 390 23.78 -28.92 9.10
C SER A 390 22.71 -28.39 8.14
N GLY A 391 21.49 -28.90 8.33
CA GLY A 391 20.35 -28.43 7.55
C GLY A 391 20.44 -28.79 6.08
N GLY A 392 19.68 -28.04 5.28
CA GLY A 392 19.52 -28.33 3.88
C GLY A 392 20.82 -28.32 3.09
N PRO A 393 21.83 -27.45 3.41
CA PRO A 393 23.08 -27.42 2.65
C PRO A 393 23.80 -28.77 2.59
N LEU A 394 23.55 -29.61 3.58
CA LEU A 394 24.14 -30.94 3.60
C LEU A 394 23.82 -31.72 2.32
N ASP A 395 22.67 -31.44 1.71
CA ASP A 395 22.18 -32.18 0.56
C ASP A 395 22.79 -31.72 -0.75
N PHE A 396 23.25 -30.46 -0.84
CA PHE A 396 23.57 -29.91 -2.14
C PHE A 396 24.95 -29.27 -2.18
N VAL A 397 25.58 -28.98 -1.04
CA VAL A 397 26.93 -28.44 -1.08
C VAL A 397 27.90 -29.62 -1.09
N ASN A 398 28.81 -29.64 -2.08
CA ASN A 398 29.85 -30.66 -2.20
C ASN A 398 31.14 -30.00 -2.68
N ASP A 399 32.21 -30.79 -2.81
CA ASP A 399 33.55 -30.24 -3.03
C ASP A 399 33.65 -29.46 -4.35
N GLU A 400 32.79 -29.77 -5.32
CA GLU A 400 32.88 -29.14 -6.62
C GLU A 400 32.36 -27.70 -6.57
N VAL A 401 31.59 -27.36 -5.52
CA VAL A 401 30.90 -26.06 -5.50
C VAL A 401 31.19 -25.24 -4.24
N GLY A 402 31.93 -25.79 -3.28
CA GLY A 402 32.32 -25.04 -2.11
C GLY A 402 32.70 -25.97 -0.98
N ALA A 403 32.23 -25.65 0.23
CA ALA A 403 32.58 -26.44 1.40
C ALA A 403 31.58 -26.24 2.54
N LEU A 404 31.38 -27.30 3.35
CA LEU A 404 30.68 -27.19 4.62
C LEU A 404 31.65 -27.44 5.77
N VAL A 405 31.66 -26.54 6.74
CA VAL A 405 32.57 -26.67 7.87
C VAL A 405 31.89 -27.54 8.92
N ASP A 406 32.68 -28.20 9.75
CA ASP A 406 32.17 -28.99 10.86
C ASP A 406 31.37 -28.13 11.83
N GLU A 407 30.24 -28.68 12.30
CA GLU A 407 29.44 -28.06 13.33
C GLU A 407 30.22 -27.97 14.64
N GLY A 408 29.81 -27.00 15.46
CA GLY A 408 30.46 -26.73 16.75
C GLY A 408 29.92 -25.44 17.36
N THR A 409 30.68 -24.86 18.29
CA THR A 409 30.34 -23.59 18.90
C THR A 409 30.46 -22.49 17.84
N ASN A 410 29.92 -21.31 18.16
CA ASN A 410 30.06 -20.19 17.24
C ASN A 410 31.53 -19.91 16.96
N ASP A 411 32.37 -20.00 18.02
CA ASP A 411 33.79 -19.74 17.90
C ASP A 411 34.49 -20.77 17.01
N GLU A 412 34.18 -22.07 17.19
CA GLU A 412 34.76 -23.15 16.39
C GLU A 412 34.37 -22.97 14.92
N VAL A 413 33.10 -22.67 14.68
CA VAL A 413 32.63 -22.45 13.32
C VAL A 413 33.35 -21.25 12.69
N ALA A 414 33.59 -20.19 13.47
CA ALA A 414 34.35 -19.03 13.03
C ALA A 414 35.75 -19.40 12.56
N GLU A 415 36.51 -20.11 13.40
CA GLU A 415 37.84 -20.56 13.02
C GLU A 415 37.78 -21.41 11.76
N ARG A 416 36.75 -22.26 11.63
CA ARG A 416 36.66 -23.14 10.47
C ARG A 416 36.28 -22.38 9.21
N VAL A 417 35.42 -21.35 9.36
CA VAL A 417 35.10 -20.50 8.22
C VAL A 417 36.35 -19.75 7.76
N TYR A 418 37.15 -19.28 8.72
CA TYR A 418 38.37 -18.59 8.40
C TYR A 418 39.27 -19.47 7.53
N ALA A 419 39.46 -20.71 7.96
CA ALA A 419 40.29 -21.68 7.26
C ALA A 419 39.74 -21.95 5.87
N ALA A 420 38.40 -22.06 5.75
CA ALA A 420 37.79 -22.36 4.48
C ALA A 420 37.92 -21.18 3.51
N VAL A 421 37.68 -19.95 3.98
CA VAL A 421 37.89 -18.77 3.14
C VAL A 421 39.34 -18.68 2.71
N LYS A 422 40.28 -18.89 3.64
CA LYS A 422 41.69 -18.85 3.27
C LYS A 422 41.97 -19.83 2.13
N GLN A 423 41.38 -21.02 2.20
CA GLN A 423 41.52 -22.01 1.16
C GLN A 423 40.92 -21.50 -0.13
N ALA A 424 39.68 -20.97 -0.04
CA ALA A 424 38.99 -20.51 -1.24
C ALA A 424 39.83 -19.46 -1.95
N LEU A 425 40.42 -18.54 -1.18
CA LEU A 425 41.17 -17.46 -1.82
C LEU A 425 42.51 -17.96 -2.34
N ALA A 426 43.19 -18.79 -1.55
CA ALA A 426 44.49 -19.32 -1.94
C ALA A 426 44.40 -20.14 -3.24
N GLU A 427 43.37 -20.99 -3.33
CA GLU A 427 43.21 -21.94 -4.42
C GLU A 427 42.37 -21.34 -5.55
N ASP A 428 41.78 -20.16 -5.29
CA ASP A 428 40.94 -19.43 -6.22
C ASP A 428 39.73 -20.27 -6.63
N TRP A 429 38.89 -20.59 -5.65
CA TRP A 429 37.72 -21.39 -5.97
C TRP A 429 36.82 -20.67 -6.97
N LYS A 430 36.79 -19.32 -6.98
CA LYS A 430 35.97 -18.61 -7.94
C LYS A 430 36.35 -19.06 -9.35
N LYS A 431 37.66 -19.17 -9.61
CA LYS A 431 38.12 -19.53 -10.94
C LYS A 431 37.92 -21.02 -11.21
N THR A 432 38.29 -21.89 -10.27
CA THR A 432 38.35 -23.32 -10.53
C THR A 432 36.99 -24.00 -10.36
N LYS A 433 36.09 -23.40 -9.55
CA LYS A 433 34.78 -24.00 -9.27
C LYS A 433 33.63 -23.20 -9.91
N GLY A 434 33.85 -21.94 -10.26
CA GLY A 434 32.75 -21.03 -10.60
C GLY A 434 31.81 -21.58 -11.69
N ALA A 435 32.39 -22.07 -12.78
CA ALA A 435 31.64 -22.65 -13.90
C ALA A 435 30.77 -23.81 -13.46
N GLN A 436 31.36 -24.70 -12.64
N GLN A 436 31.30 -24.63 -12.56
CA GLN A 436 30.70 -25.80 -11.96
CA GLN A 436 30.63 -25.80 -12.03
C GLN A 436 29.49 -25.28 -11.20
C GLN A 436 29.51 -25.39 -11.06
N CYS A 437 29.71 -24.26 -10.35
CA CYS A 437 28.66 -23.76 -9.46
C CYS A 437 27.41 -23.40 -10.26
N GLU A 438 27.61 -22.62 -11.35
CA GLU A 438 26.52 -22.10 -12.16
C GLU A 438 25.84 -23.24 -12.92
N GLN A 439 26.62 -24.17 -13.45
CA GLN A 439 26.04 -25.29 -14.19
C GLN A 439 25.20 -26.16 -13.25
N TYR A 440 25.66 -26.37 -12.03
CA TYR A 440 25.01 -27.24 -11.07
C TYR A 440 23.68 -26.64 -10.58
N ALA A 441 23.73 -25.37 -10.19
CA ALA A 441 22.51 -24.68 -9.78
C ALA A 441 21.47 -24.75 -10.90
N LEU A 442 21.86 -24.38 -12.12
CA LEU A 442 20.92 -24.29 -13.23
C LEU A 442 20.26 -25.66 -13.44
N LYS A 443 21.09 -26.71 -13.41
CA LYS A 443 20.62 -28.03 -13.77
C LYS A 443 19.67 -28.57 -12.72
N LYS A 444 19.95 -28.30 -11.43
CA LYS A 444 19.26 -28.96 -10.34
C LYS A 444 18.10 -28.15 -9.74
N PHE A 445 18.19 -26.80 -9.79
CA PHE A 445 17.36 -25.94 -8.94
C PHE A 445 16.66 -24.81 -9.70
N SER A 446 16.71 -24.80 -11.03
N SER A 446 16.66 -24.83 -11.04
CA SER A 446 15.98 -23.74 -11.71
CA SER A 446 15.94 -23.82 -11.80
C SER A 446 14.51 -23.81 -11.30
C SER A 446 14.45 -23.82 -11.45
N LEU A 447 13.88 -22.64 -11.23
CA LEU A 447 12.49 -22.50 -10.79
C LEU A 447 11.52 -23.39 -11.58
N ALA A 448 11.54 -23.27 -12.91
CA ALA A 448 10.55 -23.91 -13.77
C ALA A 448 10.65 -25.43 -13.67
N SER A 449 11.88 -25.95 -13.70
CA SER A 449 12.12 -27.38 -13.58
C SER A 449 11.57 -27.90 -12.25
N GLN A 450 11.84 -27.17 -11.18
CA GLN A 450 11.33 -27.55 -9.88
C GLN A 450 9.81 -27.51 -9.84
N ALA A 451 9.18 -26.48 -10.45
CA ALA A 451 7.73 -26.41 -10.39
C ALA A 451 7.09 -27.54 -11.21
N GLU A 452 7.74 -27.94 -12.33
CA GLU A 452 7.28 -29.04 -13.15
C GLU A 452 7.26 -30.33 -12.32
N LEU A 453 8.34 -30.55 -11.57
CA LEU A 453 8.45 -31.71 -10.69
C LEU A 453 7.38 -31.61 -9.60
N MET A 454 7.18 -30.39 -9.06
CA MET A 454 6.22 -30.23 -7.98
C MET A 454 4.81 -30.62 -8.47
N LEU A 455 4.40 -30.12 -9.65
CA LEU A 455 3.05 -30.41 -10.16
C LEU A 455 2.90 -31.88 -10.53
N GLU A 456 3.97 -32.51 -11.05
CA GLU A 456 3.93 -33.95 -11.33
C GLU A 456 3.61 -34.69 -10.04
N PHE A 457 4.22 -34.22 -8.96
CA PHE A 457 4.09 -34.90 -7.68
C PHE A 457 2.68 -34.70 -7.18
N VAL A 458 2.16 -33.48 -7.34
CA VAL A 458 0.80 -33.22 -6.93
C VAL A 458 -0.14 -34.19 -7.63
N GLU A 459 0.01 -34.28 -8.98
CA GLU A 459 -0.85 -35.10 -9.80
C GLU A 459 -0.76 -36.57 -9.35
N SER A 460 0.43 -37.09 -9.09
CA SER A 460 0.56 -38.51 -8.74
C SER A 460 0.17 -38.80 -7.29
N HIS A 461 0.32 -37.83 -6.38
CA HIS A 461 0.23 -38.15 -4.96
C HIS A 461 -0.98 -37.53 -4.27
N PHE A 462 -1.45 -36.38 -4.74
CA PHE A 462 -2.39 -35.59 -3.95
C PHE A 462 -3.75 -35.42 -4.63
N THR A 463 -3.89 -35.83 -5.90
CA THR A 463 -5.11 -35.53 -6.65
C THR A 463 -6.14 -36.64 -6.48
N ALA B 2 -7.62 -1.53 24.04
CA ALA B 2 -7.81 -0.68 22.82
C ALA B 2 -7.40 0.75 23.16
N LYS B 3 -6.87 1.46 22.15
CA LYS B 3 -6.29 2.78 22.36
C LYS B 3 -7.39 3.80 22.58
N GLU B 4 -7.16 4.69 23.56
CA GLU B 4 -7.99 5.87 23.75
C GLU B 4 -7.32 7.02 22.98
N TRP B 5 -8.04 7.57 22.00
CA TRP B 5 -7.49 8.62 21.17
C TRP B 5 -8.03 9.95 21.67
N LEU B 6 -7.11 10.93 21.71
CA LEU B 6 -7.48 12.32 21.97
C LEU B 6 -6.72 13.14 20.94
N ILE B 7 -7.46 13.63 19.93
CA ILE B 7 -6.90 14.08 18.67
C ILE B 7 -7.18 15.57 18.46
N PHE B 8 -6.17 16.30 17.99
CA PHE B 8 -6.31 17.68 17.57
C PHE B 8 -5.98 17.76 16.08
N ALA B 9 -6.90 18.30 15.29
CA ALA B 9 -6.75 18.38 13.85
C ALA B 9 -6.80 19.84 13.35
N LEU B 10 -5.75 20.26 12.63
CA LEU B 10 -5.63 21.61 12.07
C LEU B 10 -5.87 21.56 10.56
N GLY B 11 -6.94 22.23 10.17
CA GLY B 11 -7.42 22.23 8.80
C GLY B 11 -7.02 23.51 8.06
N THR B 12 -6.86 23.40 6.73
CA THR B 12 -6.50 24.51 5.83
C THR B 12 -7.76 25.27 5.39
N ASN B 13 -8.83 24.51 5.18
CA ASN B 13 -10.00 24.96 4.43
C ASN B 13 -11.21 25.09 5.33
N ASN B 14 -12.18 25.91 4.91
CA ASN B 14 -13.40 26.03 5.67
C ASN B 14 -14.14 24.72 5.52
N TRP B 15 -14.99 24.37 6.50
CA TRP B 15 -15.94 23.31 6.30
C TRP B 15 -17.16 23.82 5.55
N GLN B 16 -17.97 22.90 5.04
CA GLN B 16 -19.14 23.29 4.30
C GLN B 16 -20.25 23.59 5.30
N GLY B 17 -20.82 24.76 5.21
CA GLY B 17 -21.85 25.12 6.17
C GLY B 17 -22.59 26.35 5.65
N PRO B 18 -23.39 27.02 6.51
CA PRO B 18 -24.19 28.16 6.09
C PRO B 18 -23.37 29.20 5.36
N GLY B 19 -23.73 29.44 4.11
CA GLY B 19 -23.11 30.53 3.38
C GLY B 19 -21.85 30.10 2.65
N GLN B 20 -21.37 28.87 2.86
CA GLN B 20 -20.06 28.54 2.35
C GLN B 20 -19.92 27.09 1.93
N PHE B 21 -19.65 26.86 0.63
CA PHE B 21 -19.27 25.53 0.19
C PHE B 21 -17.80 25.30 0.52
N ALA B 22 -17.41 24.01 0.63
CA ALA B 22 -16.03 23.68 0.92
C ALA B 22 -15.41 22.97 -0.26
N PRO B 23 -14.09 23.11 -0.45
CA PRO B 23 -13.35 22.28 -1.40
C PRO B 23 -13.24 20.87 -0.87
N GLY B 24 -12.84 19.95 -1.73
CA GLY B 24 -12.76 18.55 -1.39
C GLY B 24 -11.94 18.29 -0.12
N SER B 25 -10.82 19.01 0.07
CA SER B 25 -9.98 18.80 1.25
C SER B 25 -10.71 19.21 2.52
N GLY B 26 -11.53 20.27 2.45
CA GLY B 26 -12.37 20.71 3.55
C GLY B 26 -13.47 19.70 3.87
N ILE B 27 -14.09 19.11 2.83
CA ILE B 27 -15.08 18.06 2.99
C ILE B 27 -14.43 16.86 3.69
N LEU B 28 -13.23 16.51 3.23
CA LEU B 28 -12.47 15.40 3.77
C LEU B 28 -12.20 15.62 5.28
N HIS B 29 -11.67 16.78 5.64
CA HIS B 29 -11.45 17.10 7.04
C HIS B 29 -12.75 16.97 7.85
N GLN B 30 -13.83 17.60 7.40
CA GLN B 30 -15.08 17.58 8.15
C GLN B 30 -15.58 16.14 8.35
N GLY B 31 -15.44 15.32 7.30
CA GLY B 31 -15.84 13.92 7.35
C GLY B 31 -15.00 13.13 8.35
N GLN B 32 -13.68 13.32 8.30
CA GLN B 32 -12.78 12.62 9.20
C GLN B 32 -13.12 12.97 10.66
N HIS B 33 -13.41 14.24 10.93
CA HIS B 33 -13.78 14.72 12.25
C HIS B 33 -15.07 14.04 12.77
N ILE B 34 -16.11 13.98 11.92
CA ILE B 34 -17.36 13.36 12.32
C ILE B 34 -17.10 11.89 12.55
N ALA B 35 -16.37 11.28 11.63
CA ALA B 35 -16.06 9.86 11.68
C ALA B 35 -15.38 9.49 12.99
N MET B 36 -14.29 10.21 13.30
CA MET B 36 -13.51 9.91 14.51
C MET B 36 -14.35 10.07 15.77
N ASN B 37 -15.17 11.12 15.83
CA ASN B 37 -15.96 11.36 17.02
C ASN B 37 -17.09 10.33 17.19
N SER B 38 -17.41 9.57 16.14
CA SER B 38 -18.42 8.52 16.19
C SER B 38 -17.82 7.20 16.66
N LEU B 39 -16.49 7.10 16.80
CA LEU B 39 -15.87 5.85 17.22
C LEU B 39 -15.83 5.77 18.74
N GLU B 40 -15.78 4.53 19.26
CA GLU B 40 -15.56 4.31 20.68
C GLU B 40 -14.17 4.81 21.04
N LYS B 41 -14.04 5.42 22.22
CA LYS B 41 -12.72 5.71 22.78
C LYS B 41 -11.95 6.68 21.86
N CYS B 42 -12.69 7.65 21.30
CA CYS B 42 -12.07 8.60 20.39
C CYS B 42 -12.73 9.96 20.56
N HIS B 43 -11.91 11.01 20.74
CA HIS B 43 -12.38 12.38 20.68
C HIS B 43 -11.44 13.12 19.73
N CYS B 44 -12.05 13.81 18.78
CA CYS B 44 -11.30 14.61 17.82
C CYS B 44 -11.78 16.06 17.95
N TYR B 45 -10.82 17.00 18.04
CA TYR B 45 -11.08 18.44 18.03
C TYR B 45 -10.43 19.06 16.80
N SER B 46 -11.15 19.94 16.12
CA SER B 46 -10.67 20.51 14.86
C SER B 46 -10.76 22.03 14.91
N ILE B 47 -9.77 22.66 14.28
CA ILE B 47 -9.87 24.07 13.95
C ILE B 47 -9.62 24.22 12.45
N TRP B 48 -10.28 25.24 11.90
CA TRP B 48 -10.24 25.53 10.48
C TRP B 48 -10.66 26.98 10.28
N PRO B 49 -10.18 27.63 9.20
CA PRO B 49 -10.48 29.06 9.00
C PRO B 49 -11.76 29.35 8.25
N SER B 50 -12.29 30.56 8.48
CA SER B 50 -13.35 31.10 7.67
C SER B 50 -13.41 32.61 7.86
N ASP B 51 -13.75 33.30 6.77
CA ASP B 51 -14.06 34.71 6.86
C ASP B 51 -15.58 34.94 6.99
N LEU B 52 -16.38 33.87 6.98
N LEU B 52 -16.37 33.87 7.02
CA LEU B 52 -17.82 34.00 7.12
CA LEU B 52 -17.83 33.98 7.05
C LEU B 52 -18.31 33.32 8.39
C LEU B 52 -18.44 33.26 8.26
N GLN B 53 -18.01 32.04 8.53
CA GLN B 53 -18.60 31.25 9.58
C GLN B 53 -17.95 31.57 10.91
N LYS B 54 -18.68 31.30 12.01
CA LYS B 54 -18.17 31.62 13.32
C LYS B 54 -18.12 30.40 14.24
N THR B 55 -17.26 30.48 15.25
N THR B 55 -17.25 30.49 15.25
CA THR B 55 -17.12 29.41 16.23
CA THR B 55 -17.15 29.45 16.25
C THR B 55 -18.47 29.19 16.91
C THR B 55 -18.53 29.20 16.85
N PRO B 56 -18.96 27.93 17.00
CA PRO B 56 -20.27 27.65 17.60
C PRO B 56 -20.25 27.90 19.10
N THR B 57 -21.41 28.24 19.64
CA THR B 57 -21.58 28.50 21.07
C THR B 57 -22.17 27.28 21.77
N ASP B 58 -22.58 26.25 21.03
CA ASP B 58 -23.29 25.13 21.64
C ASP B 58 -22.51 23.82 21.51
N ARG B 59 -21.28 23.92 21.00
CA ARG B 59 -20.44 22.75 20.75
C ARG B 59 -19.01 23.12 21.04
N ASP B 60 -18.20 22.13 21.47
CA ASP B 60 -16.81 22.45 21.75
C ASP B 60 -15.85 21.64 20.86
N ASP B 61 -16.39 20.84 19.92
CA ASP B 61 -15.57 19.86 19.22
C ASP B 61 -14.80 20.55 18.11
N TYR B 62 -15.22 21.74 17.69
CA TYR B 62 -14.50 22.54 16.71
C TYR B 62 -14.62 24.04 17.01
N ARG B 63 -13.56 24.75 16.61
CA ARG B 63 -13.46 26.18 16.62
C ARG B 63 -13.17 26.66 15.22
N VAL B 64 -13.63 27.88 14.90
CA VAL B 64 -13.30 28.50 13.64
C VAL B 64 -12.21 29.52 13.93
N TYR B 65 -11.18 29.48 13.07
CA TYR B 65 -10.20 30.56 13.01
C TYR B 65 -10.83 31.63 12.13
N GLU B 66 -11.42 32.61 12.84
CA GLU B 66 -12.16 33.69 12.22
C GLU B 66 -11.17 34.72 11.68
N ILE B 67 -11.19 34.93 10.36
CA ILE B 67 -10.22 35.80 9.71
C ILE B 67 -10.95 36.92 8.97
N PRO B 68 -10.37 38.13 8.87
CA PRO B 68 -11.09 39.23 8.22
C PRO B 68 -10.88 39.36 6.70
N HIS B 69 -10.27 38.34 6.10
CA HIS B 69 -10.01 38.26 4.67
C HIS B 69 -10.16 36.81 4.23
N PRO B 70 -10.30 36.52 2.91
CA PRO B 70 -10.37 35.15 2.43
C PRO B 70 -9.19 34.27 2.83
N ILE B 71 -9.48 32.97 2.91
CA ILE B 71 -8.46 32.00 3.28
C ILE B 71 -7.33 31.98 2.26
N PRO B 72 -6.04 32.10 2.68
CA PRO B 72 -4.92 32.09 1.74
C PRO B 72 -4.90 30.77 0.98
N ILE B 73 -4.64 30.86 -0.33
CA ILE B 73 -4.46 29.70 -1.20
C ILE B 73 -3.00 29.60 -1.65
N CYS B 74 -2.57 28.36 -1.89
CA CYS B 74 -1.23 28.14 -2.41
C CYS B 74 -1.12 28.42 -3.92
N GLU B 75 -2.11 27.96 -4.71
CA GLU B 75 -2.06 28.17 -6.15
C GLU B 75 -3.50 28.22 -6.71
N SER B 82 -9.31 35.61 -2.61
CA SER B 82 -8.30 36.57 -3.11
C SER B 82 -6.91 35.94 -3.07
N LYS B 83 -6.26 36.02 -1.90
CA LYS B 83 -4.81 36.14 -1.84
C LYS B 83 -4.10 34.78 -1.85
N ARG B 84 -3.13 34.72 -2.77
CA ARG B 84 -2.09 33.72 -2.78
C ARG B 84 -1.11 34.01 -1.63
N TRP B 85 -0.57 32.93 -1.04
CA TRP B 85 0.55 33.05 -0.11
C TRP B 85 1.68 33.92 -0.67
N HIS B 86 1.97 33.78 -1.95
CA HIS B 86 3.04 34.54 -2.56
C HIS B 86 2.74 36.03 -2.76
N SER B 87 1.49 36.45 -2.62
CA SER B 87 1.14 37.84 -2.85
C SER B 87 0.84 38.53 -1.52
N MET B 88 0.92 37.79 -0.40
CA MET B 88 0.63 38.39 0.89
C MET B 88 1.89 39.12 1.35
N THR B 89 1.72 40.19 2.16
CA THR B 89 2.87 40.88 2.74
C THR B 89 3.49 40.04 3.85
N ASP B 90 4.72 40.38 4.28
CA ASP B 90 5.37 39.63 5.34
C ASP B 90 4.54 39.66 6.60
N GLU B 91 4.00 40.85 6.89
CA GLU B 91 3.19 41.08 8.07
C GLU B 91 1.92 40.22 8.04
N GLU B 92 1.26 40.16 6.88
CA GLU B 92 0.06 39.34 6.72
C GLU B 92 0.37 37.86 6.97
N VAL B 93 1.49 37.37 6.44
CA VAL B 93 1.91 35.99 6.64
C VAL B 93 2.17 35.76 8.13
N THR B 94 2.96 36.66 8.73
CA THR B 94 3.30 36.46 10.14
C THR B 94 2.05 36.48 11.01
N SER B 95 1.19 37.46 10.75
N SER B 95 1.15 37.43 10.76
CA SER B 95 -0.03 37.62 11.51
CA SER B 95 -0.02 37.58 11.62
C SER B 95 -0.86 36.34 11.40
C SER B 95 -1.02 36.45 11.37
N TYR B 96 -1.07 35.92 10.15
CA TYR B 96 -1.95 34.80 9.89
C TYR B 96 -1.52 33.58 10.70
N CYS B 97 -0.20 33.32 10.68
CA CYS B 97 0.33 32.10 11.24
C CYS B 97 0.44 32.24 12.74
N ASP B 98 0.89 33.42 13.23
CA ASP B 98 1.03 33.62 14.66
C ASP B 98 -0.32 33.58 15.36
N ASN B 99 -1.36 34.19 14.77
CA ASN B 99 -2.67 34.18 15.39
C ASN B 99 -3.22 32.75 15.37
N LEU B 100 -2.98 31.99 14.28
CA LEU B 100 -3.48 30.62 14.18
C LEU B 100 -2.81 29.74 15.24
N LEU B 101 -1.49 29.88 15.38
CA LEU B 101 -0.78 29.13 16.39
C LEU B 101 -1.34 29.41 17.78
N LYS B 102 -1.60 30.67 18.13
CA LYS B 102 -2.13 31.02 19.45
C LYS B 102 -3.52 30.40 19.66
N GLU B 103 -4.37 30.46 18.64
CA GLU B 103 -5.70 29.88 18.74
C GLU B 103 -5.59 28.36 18.94
N CYS B 104 -4.67 27.73 18.23
CA CYS B 104 -4.46 26.29 18.37
C CYS B 104 -4.03 25.95 19.81
N THR B 105 -3.06 26.72 20.33
CA THR B 105 -2.58 26.47 21.69
C THR B 105 -3.67 26.72 22.72
N ASP B 106 -4.53 27.74 22.55
CA ASP B 106 -5.63 27.99 23.47
C ASP B 106 -6.58 26.80 23.44
N PHE B 107 -6.87 26.27 22.26
CA PHE B 107 -7.81 25.16 22.11
C PHE B 107 -7.21 23.90 22.75
N ILE B 108 -5.91 23.69 22.54
CA ILE B 108 -5.23 22.54 23.13
C ILE B 108 -5.30 22.57 24.66
N GLU B 109 -5.09 23.76 25.23
CA GLU B 109 -5.19 23.94 26.67
C GLU B 109 -6.60 23.58 27.18
N TYR B 110 -7.61 24.07 26.48
CA TYR B 110 -9.00 23.75 26.81
C TYR B 110 -9.19 22.23 26.84
N ILE B 111 -8.75 21.55 25.79
CA ILE B 111 -9.00 20.12 25.61
C ILE B 111 -8.30 19.34 26.71
N GLU B 112 -7.05 19.70 26.97
CA GLU B 112 -6.25 18.93 27.92
C GLU B 112 -6.78 19.09 29.34
N LYS B 113 -7.23 20.30 29.70
CA LYS B 113 -7.90 20.51 30.97
C LYS B 113 -9.19 19.71 31.03
N LYS B 114 -9.93 19.75 29.93
CA LYS B 114 -11.22 19.07 29.88
C LYS B 114 -11.10 17.58 30.13
N HIS B 115 -10.11 16.95 29.49
CA HIS B 115 -9.90 15.52 29.55
C HIS B 115 -8.98 15.11 30.69
N GLY B 116 -8.33 16.08 31.33
CA GLY B 116 -7.41 15.80 32.44
C GLY B 116 -6.20 14.97 32.01
N LYS B 117 -5.79 15.13 30.76
CA LYS B 117 -4.73 14.34 30.18
C LYS B 117 -4.32 14.98 28.86
N ARG B 118 -3.21 14.50 28.29
CA ARG B 118 -2.60 15.09 27.11
C ARG B 118 -3.23 14.50 25.85
N ILE B 119 -3.37 15.37 24.84
CA ILE B 119 -3.59 14.97 23.46
C ILE B 119 -2.52 13.96 23.01
N ASN B 120 -2.93 12.93 22.25
CA ASN B 120 -1.97 11.92 21.81
C ASN B 120 -1.91 11.77 20.30
N LEU B 121 -2.52 12.68 19.55
CA LEU B 121 -2.31 12.70 18.11
C LEU B 121 -2.62 14.12 17.60
N PHE B 122 -1.69 14.63 16.78
CA PHE B 122 -1.87 15.84 16.00
C PHE B 122 -2.00 15.48 14.52
N LEU B 123 -3.02 16.07 13.87
CA LEU B 123 -3.24 15.97 12.44
C LEU B 123 -3.14 17.37 11.83
N ALA B 124 -2.40 17.49 10.73
CA ALA B 124 -2.30 18.76 10.04
C ALA B 124 -2.54 18.55 8.54
N HIS B 125 -3.39 19.40 7.96
CA HIS B 125 -3.78 19.35 6.56
C HIS B 125 -2.82 20.19 5.72
N HIS B 126 -2.35 19.57 4.64
CA HIS B 126 -1.45 20.10 3.62
C HIS B 126 -0.02 20.15 4.14
N CYS B 127 0.94 20.26 3.20
CA CYS B 127 2.35 20.10 3.54
C CYS B 127 3.05 21.45 3.70
N PHE B 128 2.42 22.40 4.40
CA PHE B 128 2.90 23.77 4.44
C PHE B 128 2.67 24.30 5.86
N MET B 129 1.88 25.35 6.01
CA MET B 129 2.00 26.10 7.25
C MET B 129 1.41 25.30 8.41
N ASN B 130 0.47 24.39 8.18
CA ASN B 130 -0.16 23.68 9.29
C ASN B 130 0.84 22.77 10.00
N PRO B 131 1.61 21.88 9.34
CA PRO B 131 2.66 21.12 10.04
C PRO B 131 3.74 22.00 10.66
N VAL B 132 4.03 23.16 10.06
CA VAL B 132 4.97 24.10 10.66
C VAL B 132 4.43 24.53 12.04
N ILE B 133 3.17 24.95 12.08
CA ILE B 133 2.59 25.42 13.33
C ILE B 133 2.54 24.30 14.35
N MET B 134 2.11 23.09 13.97
CA MET B 134 2.00 22.02 14.97
C MET B 134 3.37 21.53 15.41
N SER B 135 4.33 21.54 14.49
CA SER B 135 5.73 21.27 14.86
C SER B 135 6.25 22.24 15.91
N GLU B 136 5.95 23.54 15.75
CA GLU B 136 6.37 24.57 16.69
C GLU B 136 5.70 24.32 18.03
N ILE B 137 4.41 23.97 18.00
CA ILE B 137 3.70 23.68 19.25
C ILE B 137 4.39 22.52 19.96
N ASN B 138 4.77 21.48 19.22
CA ASN B 138 5.42 20.33 19.83
C ASN B 138 6.74 20.77 20.47
N GLU B 139 7.53 21.59 19.75
CA GLU B 139 8.82 22.02 20.31
C GLU B 139 8.66 22.80 21.62
N ARG B 140 7.66 23.67 21.66
CA ARG B 140 7.40 24.46 22.87
C ARG B 140 7.04 23.55 24.04
N ARG B 141 6.21 22.55 23.77
CA ARG B 141 5.79 21.61 24.80
C ARG B 141 6.98 20.77 25.28
N VAL B 142 7.79 20.24 24.36
CA VAL B 142 8.90 19.39 24.74
C VAL B 142 9.89 20.18 25.58
N ALA B 143 10.02 21.47 25.27
CA ALA B 143 10.90 22.35 26.05
C ALA B 143 10.41 22.49 27.48
N GLN B 144 9.13 22.17 27.74
CA GLN B 144 8.59 22.23 29.08
C GLN B 144 8.56 20.86 29.74
N GLY B 145 9.04 19.79 29.08
CA GLY B 145 9.06 18.46 29.65
C GLY B 145 7.80 17.65 29.33
N ILE B 146 6.95 18.19 28.43
CA ILE B 146 5.78 17.49 27.94
C ILE B 146 6.17 16.55 26.80
N PRO B 147 5.66 15.31 26.81
CA PRO B 147 5.93 14.34 25.74
C PRO B 147 5.57 14.89 24.36
N LYS B 148 6.44 14.67 23.38
CA LYS B 148 6.14 14.96 21.98
C LYS B 148 4.88 14.20 21.57
N VAL B 149 4.04 14.86 20.78
CA VAL B 149 2.82 14.22 20.29
C VAL B 149 3.03 13.86 18.83
N PRO B 150 2.68 12.63 18.42
CA PRO B 150 2.79 12.23 17.02
C PRO B 150 2.06 13.21 16.12
N LEU B 151 2.74 13.65 15.06
CA LEU B 151 2.20 14.60 14.09
C LEU B 151 2.09 13.89 12.75
N VAL B 152 0.85 13.81 12.24
CA VAL B 152 0.59 13.23 10.93
C VAL B 152 -0.02 14.26 10.01
N VAL B 153 0.48 14.24 8.78
CA VAL B 153 0.14 15.25 7.80
C VAL B 153 -0.65 14.64 6.64
N PHE B 154 -1.68 15.38 6.18
CA PHE B 154 -2.41 14.97 5.00
C PHE B 154 -1.92 15.77 3.80
N ALA B 155 -1.30 15.09 2.84
CA ALA B 155 -0.88 15.71 1.59
C ALA B 155 -2.06 15.65 0.60
N HIS B 156 -2.66 16.79 0.32
CA HIS B 156 -3.74 16.88 -0.65
C HIS B 156 -3.22 17.21 -2.05
N GLY B 157 -2.10 17.94 -2.15
CA GLY B 157 -1.44 18.24 -3.42
C GLY B 157 -1.15 19.73 -3.67
N THR B 158 -1.98 20.66 -3.16
CA THR B 158 -1.87 22.07 -3.53
C THR B 158 -0.54 22.65 -3.03
N ALA B 159 -0.09 22.28 -1.82
CA ALA B 159 1.16 22.84 -1.33
C ALA B 159 2.32 22.27 -2.13
N LEU B 160 2.23 21.00 -2.50
CA LEU B 160 3.24 20.33 -3.31
C LEU B 160 3.34 21.01 -4.68
N LYS B 161 2.20 21.37 -5.25
CA LYS B 161 2.19 22.06 -6.54
C LYS B 161 2.87 23.42 -6.39
N MET B 162 2.62 24.13 -5.29
CA MET B 162 3.22 25.43 -5.06
C MET B 162 4.76 25.28 -5.00
N TYR B 163 5.26 24.29 -4.27
CA TYR B 163 6.70 24.06 -4.15
C TYR B 163 7.30 23.76 -5.53
N GLU B 164 6.66 22.85 -6.28
CA GLU B 164 7.06 22.58 -7.66
C GLU B 164 7.14 23.87 -8.48
N ASN B 165 6.14 24.75 -8.33
CA ASN B 165 6.12 25.98 -9.10
C ASN B 165 7.30 26.85 -8.69
N GLU B 166 7.61 26.87 -7.39
CA GLU B 166 8.73 27.62 -6.88
C GLU B 166 10.01 27.12 -7.53
N ILE B 167 10.20 25.78 -7.54
CA ILE B 167 11.39 25.15 -8.08
C ILE B 167 11.54 25.56 -9.54
N ASN B 168 10.44 25.51 -10.31
CA ASN B 168 10.48 25.78 -11.75
C ASN B 168 10.49 27.28 -12.09
N LYS B 169 10.66 28.16 -11.10
CA LYS B 169 10.76 29.61 -11.30
C LYS B 169 9.57 30.17 -12.07
N LEU B 170 8.37 29.67 -11.78
CA LEU B 170 7.16 30.21 -12.37
C LEU B 170 6.98 31.65 -11.91
N PRO B 171 6.58 32.58 -12.82
CA PRO B 171 6.44 34.00 -12.53
C PRO B 171 5.90 34.43 -11.17
N GLU B 172 4.81 33.80 -10.71
CA GLU B 172 4.13 34.28 -9.52
C GLU B 172 4.44 33.40 -8.31
N PHE B 173 5.54 32.66 -8.41
CA PHE B 173 6.01 31.78 -7.36
C PHE B 173 7.52 31.98 -7.17
N PRO B 174 7.96 33.23 -6.90
CA PRO B 174 9.36 33.47 -6.56
C PRO B 174 9.64 32.69 -5.29
N MET B 175 10.77 32.00 -5.27
CA MET B 175 11.07 31.00 -4.25
C MET B 175 11.08 31.66 -2.89
N LYS B 176 10.38 31.00 -1.96
CA LYS B 176 10.19 31.51 -0.62
C LYS B 176 9.99 30.34 0.34
N TYR B 177 9.05 29.44 0.02
CA TYR B 177 8.58 28.52 1.04
C TYR B 177 9.30 27.20 0.99
N TYR B 178 9.45 26.60 -0.19
CA TYR B 178 10.05 25.28 -0.34
C TYR B 178 11.42 25.18 0.33
N ASP B 179 12.32 26.10 0.02
CA ASP B 179 13.66 26.02 0.59
C ASP B 179 13.66 26.28 2.10
N TRP B 180 12.65 27.00 2.61
CA TRP B 180 12.55 27.29 4.03
C TRP B 180 12.05 26.07 4.79
N ILE B 181 11.00 25.45 4.24
CA ILE B 181 10.40 24.34 4.94
C ILE B 181 11.44 23.22 4.99
N ARG B 182 12.38 23.19 4.01
CA ARG B 182 13.40 22.13 4.00
C ARG B 182 14.60 22.53 4.85
N GLY B 183 15.15 23.71 4.62
CA GLY B 183 16.46 24.09 5.12
C GLY B 183 16.39 24.78 6.48
N THR B 184 15.29 25.52 6.76
CA THR B 184 15.13 26.26 8.01
C THR B 184 14.33 25.44 9.02
N LYS B 185 13.15 24.95 8.59
CA LYS B 185 12.26 24.31 9.55
C LYS B 185 12.44 22.79 9.57
N ASN B 186 13.00 22.22 8.49
CA ASN B 186 13.35 20.81 8.42
C ASN B 186 12.12 19.92 8.70
N ILE B 187 10.94 20.31 8.20
CA ILE B 187 9.69 19.65 8.59
C ILE B 187 9.66 18.18 8.16
N PHE B 188 10.12 17.89 6.93
CA PHE B 188 10.01 16.55 6.38
C PHE B 188 11.39 15.95 6.15
N GLU B 189 12.38 16.38 6.95
CA GLU B 189 13.76 16.01 6.67
C GLU B 189 14.20 14.77 7.44
N SER B 190 13.31 14.26 8.28
CA SER B 190 13.50 13.14 9.17
C SER B 190 12.11 12.81 9.70
N THR B 191 12.02 12.05 10.78
CA THR B 191 10.75 11.88 11.47
C THR B 191 10.77 12.62 12.79
N GLY B 192 11.66 13.60 12.91
CA GLY B 192 11.79 14.37 14.14
C GLY B 192 10.59 15.29 14.37
N HIS B 193 10.04 15.85 13.28
CA HIS B 193 8.88 16.74 13.38
C HIS B 193 7.58 16.04 13.00
N VAL B 194 7.61 15.31 11.88
CA VAL B 194 6.45 14.67 11.31
C VAL B 194 6.66 13.16 11.39
N SER B 195 5.66 12.47 11.94
CA SER B 195 5.73 11.04 12.16
C SER B 195 5.26 10.26 10.94
N GLY B 196 4.39 10.86 10.12
CA GLY B 196 3.75 10.10 9.06
C GLY B 196 2.94 11.05 8.17
N VAL B 197 2.75 10.61 6.93
CA VAL B 197 2.07 11.38 5.92
C VAL B 197 1.06 10.46 5.23
N PHE B 198 -0.17 10.94 5.17
CA PHE B 198 -1.21 10.33 4.36
C PHE B 198 -1.40 11.20 3.13
N ALA B 199 -1.12 10.62 1.97
CA ALA B 199 -1.35 11.27 0.68
C ALA B 199 -2.68 10.77 0.12
N VAL B 200 -3.43 11.68 -0.48
CA VAL B 200 -4.75 11.36 -0.96
C VAL B 200 -4.68 10.38 -2.14
N SER B 201 -3.56 10.38 -2.87
CA SER B 201 -3.40 9.50 -4.01
C SER B 201 -1.94 9.06 -4.22
N ALA B 202 -1.78 8.00 -5.03
CA ALA B 202 -0.46 7.48 -5.38
C ALA B 202 0.38 8.58 -6.02
N PRO B 203 -0.14 9.38 -6.98
CA PRO B 203 0.62 10.51 -7.49
C PRO B 203 1.11 11.52 -6.46
N GLN B 204 0.26 11.87 -5.47
CA GLN B 204 0.67 12.82 -4.45
C GLN B 204 1.76 12.23 -3.53
N LYS B 205 1.67 10.92 -3.24
CA LYS B 205 2.73 10.19 -2.55
C LYS B 205 4.07 10.33 -3.30
N ASN B 206 4.04 10.18 -4.62
CA ASN B 206 5.25 10.20 -5.44
C ASN B 206 5.83 11.60 -5.48
N SER B 207 4.95 12.57 -5.63
CA SER B 207 5.34 13.95 -5.72
C SER B 207 5.89 14.39 -4.36
N PHE B 208 5.29 13.88 -3.28
CA PHE B 208 5.75 14.22 -1.95
C PHE B 208 7.18 13.69 -1.76
N GLU B 209 7.39 12.43 -2.16
CA GLU B 209 8.70 11.82 -1.94
C GLU B 209 9.77 12.51 -2.76
N LYS B 210 9.43 12.98 -3.95
CA LYS B 210 10.39 13.65 -4.81
C LYS B 210 10.82 14.96 -4.15
N LEU B 211 9.85 15.69 -3.58
CA LEU B 211 10.10 16.99 -2.97
C LEU B 211 10.84 16.88 -1.64
N PHE B 212 10.56 15.82 -0.90
CA PHE B 212 11.08 15.61 0.45
C PHE B 212 11.75 14.24 0.49
N PRO B 213 12.90 14.06 -0.22
CA PRO B 213 13.49 12.73 -0.38
C PRO B 213 14.08 12.09 0.87
N LEU B 214 14.22 12.84 1.97
CA LEU B 214 14.77 12.28 3.19
C LEU B 214 13.64 11.84 4.12
N PHE B 215 12.39 12.03 3.69
CA PHE B 215 11.32 11.49 4.52
C PHE B 215 11.17 10.00 4.20
N PRO B 216 11.10 9.08 5.18
CA PRO B 216 10.95 7.65 4.90
C PRO B 216 9.71 7.26 4.06
N GLN B 217 9.95 6.62 2.91
CA GLN B 217 8.86 6.27 2.01
C GLN B 217 7.85 5.37 2.69
N GLU B 218 8.28 4.52 3.62
CA GLU B 218 7.37 3.59 4.28
C GLU B 218 6.38 4.35 5.18
N ARG B 219 6.65 5.62 5.45
CA ARG B 219 5.75 6.41 6.31
C ARG B 219 4.90 7.41 5.51
N VAL B 220 4.85 7.24 4.19
CA VAL B 220 3.92 7.92 3.30
C VAL B 220 2.92 6.86 2.82
N ALA B 221 1.66 6.97 3.24
CA ALA B 221 0.62 6.00 2.97
C ALA B 221 -0.50 6.72 2.23
N ILE B 222 -1.47 5.96 1.70
CA ILE B 222 -2.61 6.54 1.01
C ILE B 222 -3.75 6.77 2.00
N THR B 223 -4.32 7.98 2.00
CA THR B 223 -5.41 8.35 2.88
C THR B 223 -6.62 7.45 2.61
N PRO B 224 -7.16 6.74 3.63
CA PRO B 224 -8.50 6.13 3.54
C PRO B 224 -9.54 7.23 3.40
N CYS B 225 -10.43 7.13 2.39
N CYS B 225 -10.52 7.04 2.50
CA CYS B 225 -11.53 8.08 2.22
CA CYS B 225 -11.54 8.06 2.29
C CYS B 225 -12.84 7.31 2.42
C CYS B 225 -12.94 7.44 2.24
N GLY B 226 -13.79 7.92 3.14
CA GLY B 226 -15.14 7.41 3.29
C GLY B 226 -16.18 8.48 2.96
N TYR B 227 -17.47 8.08 3.00
CA TYR B 227 -18.57 8.98 2.69
C TYR B 227 -19.56 8.95 3.83
N ASN B 228 -20.35 10.03 3.94
CA ASN B 228 -21.31 10.20 5.01
C ASN B 228 -22.61 9.50 4.65
N GLN B 229 -22.74 8.24 5.10
CA GLN B 229 -23.91 7.43 4.85
C GLN B 229 -25.15 7.95 5.58
N LEU B 230 -25.01 8.82 6.57
CA LEU B 230 -26.18 9.40 7.24
C LEU B 230 -26.89 10.38 6.31
N VAL B 231 -26.12 10.97 5.38
CA VAL B 231 -26.63 11.96 4.45
C VAL B 231 -26.90 11.28 3.11
N PHE B 232 -25.92 10.49 2.66
CA PHE B 232 -25.95 9.82 1.35
C PHE B 232 -26.47 8.40 1.53
N HIS B 233 -27.78 8.21 1.36
CA HIS B 233 -28.46 6.93 1.44
C HIS B 233 -29.68 7.08 0.52
N ARG B 234 -30.35 5.97 0.21
CA ARG B 234 -31.56 6.05 -0.60
C ARG B 234 -32.63 6.86 0.11
N ILE B 235 -33.01 8.03 -0.43
CA ILE B 235 -33.99 8.84 0.24
C ILE B 235 -35.42 8.36 -0.08
N GLN B 236 -36.09 7.87 0.99
CA GLN B 236 -37.45 7.38 0.88
C GLN B 236 -38.41 8.48 0.44
N GLY B 237 -39.19 8.20 -0.60
CA GLY B 237 -40.29 9.06 -1.02
C GLY B 237 -39.87 10.03 -2.13
N MET B 238 -38.57 10.09 -2.43
CA MET B 238 -38.01 11.17 -3.23
C MET B 238 -38.50 11.07 -4.70
N THR B 239 -38.83 12.22 -5.28
CA THR B 239 -39.18 12.34 -6.70
C THR B 239 -38.20 13.28 -7.41
N ARG B 240 -38.24 13.27 -8.75
CA ARG B 240 -37.48 14.22 -9.56
C ARG B 240 -37.90 15.65 -9.21
N GLU B 241 -39.22 15.89 -9.10
CA GLU B 241 -39.73 17.23 -8.84
C GLU B 241 -39.19 17.75 -7.50
N LYS B 242 -39.14 16.87 -6.49
CA LYS B 242 -38.73 17.32 -5.18
C LYS B 242 -37.20 17.43 -5.16
N ALA B 243 -36.52 16.56 -5.89
CA ALA B 243 -35.07 16.47 -5.77
C ALA B 243 -34.40 17.65 -6.47
N PHE B 244 -34.84 17.98 -7.70
CA PHE B 244 -34.16 19.03 -8.46
C PHE B 244 -35.11 19.89 -9.29
N GLY B 245 -36.42 19.62 -9.23
CA GLY B 245 -37.36 20.45 -9.97
C GLY B 245 -37.56 21.85 -9.42
N HIS B 246 -37.02 22.19 -8.24
CA HIS B 246 -37.07 23.54 -7.69
C HIS B 246 -35.70 24.23 -7.65
N MET B 247 -34.69 23.62 -8.28
CA MET B 247 -33.36 24.21 -8.35
C MET B 247 -33.27 25.17 -9.55
N PRO B 248 -32.97 26.46 -9.33
CA PRO B 248 -32.83 27.36 -10.46
C PRO B 248 -31.53 27.10 -11.23
N GLN B 249 -31.61 27.23 -12.55
CA GLN B 249 -30.43 27.13 -13.39
C GLN B 249 -29.39 28.18 -12.98
N ALA B 250 -28.12 27.71 -12.90
CA ALA B 250 -26.98 28.50 -12.50
C ALA B 250 -25.99 28.55 -13.65
N LEU B 251 -26.00 29.69 -14.35
CA LEU B 251 -25.27 29.76 -15.59
C LEU B 251 -24.06 30.63 -15.34
N TYR B 252 -24.13 31.91 -15.74
CA TYR B 252 -23.09 32.88 -15.47
C TYR B 252 -23.69 34.28 -15.67
N ASP B 253 -23.13 35.28 -15.00
CA ASP B 253 -23.64 36.63 -15.10
C ASP B 253 -23.53 37.14 -16.53
N GLY B 254 -24.66 37.59 -17.09
CA GLY B 254 -24.67 38.15 -18.43
C GLY B 254 -24.93 37.11 -19.51
N PHE B 255 -25.15 35.87 -19.11
CA PHE B 255 -25.65 34.84 -20.00
C PHE B 255 -26.80 35.38 -20.86
N ASP B 256 -26.73 35.11 -22.16
CA ASP B 256 -27.63 35.75 -23.09
C ASP B 256 -28.46 34.69 -23.84
N ALA B 257 -29.69 34.50 -23.39
CA ALA B 257 -30.53 33.42 -23.90
C ALA B 257 -30.95 33.67 -25.36
N THR B 258 -30.88 34.92 -25.83
CA THR B 258 -31.31 35.20 -27.20
C THR B 258 -30.33 34.57 -28.21
N GLN B 259 -29.14 34.17 -27.76
CA GLN B 259 -28.19 33.48 -28.61
C GLN B 259 -28.56 32.01 -28.84
N LEU B 260 -29.46 31.43 -28.01
CA LEU B 260 -29.89 30.05 -28.16
C LEU B 260 -30.85 29.93 -29.36
N SER B 261 -30.93 28.75 -29.95
CA SER B 261 -31.99 28.44 -30.89
C SER B 261 -33.31 28.18 -30.16
N PRO B 262 -34.47 28.26 -30.86
CA PRO B 262 -35.77 27.92 -30.28
C PRO B 262 -35.86 26.66 -29.43
N VAL B 263 -35.34 25.57 -29.95
CA VAL B 263 -35.45 24.29 -29.24
C VAL B 263 -34.64 24.32 -27.94
N GLN B 264 -33.79 25.34 -27.70
CA GLN B 264 -32.95 25.37 -26.51
C GLN B 264 -33.51 26.28 -25.41
N ARG B 265 -34.70 26.87 -25.61
N ARG B 265 -34.70 26.85 -25.62
CA ARG B 265 -35.06 28.00 -24.79
CA ARG B 265 -35.07 27.99 -24.81
C ARG B 265 -35.66 27.58 -23.44
C ARG B 265 -35.69 27.58 -23.47
N HIS B 266 -35.66 26.28 -23.11
CA HIS B 266 -35.88 25.86 -21.71
C HIS B 266 -34.71 26.30 -20.84
N VAL B 267 -33.56 26.54 -21.50
CA VAL B 267 -32.35 27.02 -20.85
C VAL B 267 -32.50 28.50 -20.58
N ALA B 268 -32.48 28.84 -19.29
CA ALA B 268 -32.77 30.20 -18.85
C ALA B 268 -32.15 30.45 -17.46
N SER B 269 -31.42 31.56 -17.34
CA SER B 269 -30.87 32.04 -16.08
C SER B 269 -31.92 32.00 -14.98
N ASP B 270 -31.63 31.31 -13.87
CA ASP B 270 -32.39 31.44 -12.62
C ASP B 270 -33.81 30.92 -12.75
N GLN B 271 -34.08 30.08 -13.76
CA GLN B 271 -35.37 29.44 -13.86
C GLN B 271 -35.18 27.96 -13.62
N CYS B 272 -36.21 27.33 -13.05
CA CYS B 272 -36.21 25.88 -12.91
C CYS B 272 -36.30 25.21 -14.27
N ILE B 273 -36.01 23.90 -14.27
CA ILE B 273 -36.08 23.08 -15.47
C ILE B 273 -37.55 22.73 -15.67
N PRO B 274 -38.15 23.05 -16.83
CA PRO B 274 -39.54 22.67 -17.05
C PRO B 274 -39.71 21.16 -17.12
N ASP B 275 -40.80 20.64 -16.54
CA ASP B 275 -41.34 19.35 -16.91
C ASP B 275 -40.30 18.25 -16.70
N VAL B 276 -39.80 18.12 -15.47
CA VAL B 276 -38.78 17.12 -15.20
C VAL B 276 -39.36 15.71 -15.34
N ASN B 277 -40.69 15.56 -15.21
CA ASN B 277 -41.36 14.27 -15.35
C ASN B 277 -41.43 13.75 -16.78
N ALA B 278 -41.26 14.64 -17.76
CA ALA B 278 -41.40 14.32 -19.16
C ALA B 278 -40.20 13.52 -19.68
N TYR B 279 -39.08 13.53 -18.95
CA TYR B 279 -37.89 12.86 -19.40
C TYR B 279 -38.00 11.37 -19.09
N ASP B 280 -37.32 10.55 -19.89
CA ASP B 280 -37.30 9.11 -19.70
C ASP B 280 -36.32 8.75 -18.58
N ARG B 281 -35.13 9.36 -18.64
CA ARG B 281 -34.05 9.01 -17.72
C ARG B 281 -33.26 10.26 -17.38
N VAL B 282 -32.45 10.11 -16.32
CA VAL B 282 -31.72 11.22 -15.70
C VAL B 282 -30.27 10.80 -15.49
N VAL B 283 -29.36 11.58 -16.07
CA VAL B 283 -27.90 11.39 -16.00
C VAL B 283 -27.31 12.59 -15.25
N VAL B 284 -26.41 12.34 -14.28
CA VAL B 284 -25.92 13.39 -13.39
C VAL B 284 -24.39 13.44 -13.40
N PHE B 285 -23.85 14.66 -13.52
CA PHE B 285 -22.47 14.91 -13.20
C PHE B 285 -22.44 15.77 -11.93
N CYS B 286 -21.45 15.54 -11.08
CA CYS B 286 -21.18 16.44 -9.97
C CYS B 286 -19.67 16.64 -9.85
N GLY B 287 -19.22 17.88 -9.70
CA GLY B 287 -17.83 18.18 -9.40
C GLY B 287 -17.48 19.61 -9.74
N ARG B 288 -16.41 20.11 -9.10
CA ARG B 288 -15.89 21.43 -9.42
C ARG B 288 -15.47 21.48 -10.89
N PHE B 289 -15.57 22.67 -11.49
CA PHE B 289 -15.27 22.84 -12.90
C PHE B 289 -13.75 22.95 -13.10
N ALA B 290 -13.00 21.97 -12.61
CA ALA B 290 -11.60 21.83 -13.01
C ALA B 290 -11.51 21.11 -14.35
N HIS B 291 -10.51 21.49 -15.14
CA HIS B 291 -10.39 20.99 -16.50
C HIS B 291 -10.28 19.47 -16.50
N TRP B 292 -9.55 18.94 -15.51
CA TRP B 292 -9.27 17.51 -15.49
C TRP B 292 -10.51 16.69 -15.16
N LYS B 293 -11.61 17.32 -14.72
CA LYS B 293 -12.84 16.58 -14.47
C LYS B 293 -13.55 16.20 -15.78
N ARG B 294 -13.16 16.85 -16.90
CA ARG B 294 -13.64 16.54 -18.25
C ARG B 294 -15.15 16.70 -18.38
N ILE B 295 -15.67 17.81 -17.84
CA ILE B 295 -17.08 18.13 -18.04
C ILE B 295 -17.40 18.13 -19.52
N ASP B 296 -16.48 18.63 -20.36
CA ASP B 296 -16.68 18.65 -21.82
C ASP B 296 -16.96 17.27 -22.40
N SER B 297 -16.40 16.22 -21.80
CA SER B 297 -16.72 14.87 -22.27
C SER B 297 -18.17 14.51 -21.97
N VAL B 298 -18.72 14.93 -20.81
CA VAL B 298 -20.12 14.70 -20.51
C VAL B 298 -20.97 15.44 -21.55
N LEU B 299 -20.61 16.68 -21.80
CA LEU B 299 -21.40 17.55 -22.68
C LEU B 299 -21.39 16.96 -24.10
N LYS B 300 -20.23 16.40 -24.51
CA LYS B 300 -20.06 15.85 -25.84
C LYS B 300 -20.86 14.56 -26.00
N ALA B 301 -20.89 13.76 -24.92
CA ALA B 301 -21.68 12.55 -24.90
C ALA B 301 -23.15 12.89 -25.07
N ALA B 302 -23.61 13.88 -24.32
CA ALA B 302 -25.00 14.32 -24.44
C ALA B 302 -25.31 14.82 -25.85
N SER B 303 -24.37 15.55 -26.47
CA SER B 303 -24.58 16.03 -27.83
C SER B 303 -24.91 14.86 -28.79
N ARG B 304 -24.39 13.67 -28.51
CA ARG B 304 -24.68 12.46 -29.29
C ARG B 304 -26.04 11.87 -28.90
N TRP B 305 -26.29 11.63 -27.62
CA TRP B 305 -27.55 10.98 -27.28
C TRP B 305 -28.76 11.90 -27.45
N GLU B 306 -28.56 13.22 -27.43
CA GLU B 306 -29.69 14.14 -27.56
C GLU B 306 -30.24 14.10 -28.98
N LYS B 307 -29.51 13.48 -29.92
CA LYS B 307 -30.00 13.31 -31.28
C LYS B 307 -30.94 12.12 -31.43
N GLU B 308 -31.03 11.25 -30.42
CA GLU B 308 -31.75 10.00 -30.55
C GLU B 308 -33.08 10.12 -29.84
N ASP B 309 -33.82 8.99 -29.74
CA ASP B 309 -35.23 8.99 -29.39
C ASP B 309 -35.49 9.04 -27.88
N LYS B 310 -34.57 8.51 -27.06
CA LYS B 310 -34.81 8.46 -25.62
C LYS B 310 -34.62 9.87 -25.06
N ARG B 311 -35.52 10.28 -24.16
CA ARG B 311 -35.53 11.64 -23.63
C ARG B 311 -34.66 11.64 -22.36
N ILE B 312 -33.38 12.01 -22.55
CA ILE B 312 -32.39 11.95 -21.49
C ILE B 312 -32.11 13.36 -20.95
N LEU B 313 -32.34 13.53 -19.65
CA LEU B 313 -32.11 14.76 -18.91
C LEU B 313 -30.72 14.67 -18.31
N THR B 314 -29.86 15.64 -18.62
CA THR B 314 -28.51 15.70 -18.07
C THR B 314 -28.39 16.91 -17.16
N LEU B 315 -27.88 16.64 -15.92
CA LEU B 315 -27.75 17.65 -14.89
C LEU B 315 -26.27 17.82 -14.56
N ILE B 316 -25.81 19.07 -14.55
CA ILE B 316 -24.43 19.39 -14.23
C ILE B 316 -24.41 20.14 -12.91
N PHE B 317 -23.89 19.47 -11.87
CA PHE B 317 -23.72 20.10 -10.57
C PHE B 317 -22.26 20.48 -10.37
N GLY B 318 -22.01 21.51 -9.55
CA GLY B 318 -20.68 21.91 -9.12
C GLY B 318 -20.42 23.38 -9.41
N ALA B 319 -19.39 23.91 -8.76
CA ALA B 319 -19.08 25.33 -8.83
C ALA B 319 -17.93 25.57 -9.81
N GLY B 320 -17.89 26.79 -10.34
CA GLY B 320 -16.69 27.28 -10.98
C GLY B 320 -16.70 28.79 -11.04
N SER B 321 -15.53 29.34 -11.38
CA SER B 321 -15.42 30.78 -11.57
C SER B 321 -16.40 31.19 -12.66
N GLN B 322 -16.78 32.47 -12.65
CA GLN B 322 -17.53 33.06 -13.74
C GLN B 322 -16.93 32.70 -15.11
N GLU B 323 -15.60 32.77 -15.21
N GLU B 323 -15.60 32.77 -15.22
CA GLU B 323 -14.91 32.54 -16.47
CA GLU B 323 -14.91 32.56 -16.48
C GLU B 323 -15.10 31.09 -16.92
C GLU B 323 -15.07 31.10 -16.92
N THR B 324 -14.93 30.15 -15.98
CA THR B 324 -15.01 28.75 -16.31
C THR B 324 -16.46 28.33 -16.55
N ARG B 325 -17.38 28.90 -15.79
CA ARG B 325 -18.80 28.62 -16.02
C ARG B 325 -19.15 29.03 -17.46
N LYS B 326 -18.66 30.20 -17.87
CA LYS B 326 -18.94 30.69 -19.21
C LYS B 326 -18.37 29.73 -20.26
N LEU B 327 -17.17 29.21 -20.03
CA LEU B 327 -16.58 28.29 -20.99
C LEU B 327 -17.47 27.06 -21.23
N TYR B 328 -17.89 26.37 -20.16
CA TYR B 328 -18.65 25.14 -20.31
C TYR B 328 -20.10 25.41 -20.68
N VAL B 329 -20.70 26.49 -20.17
CA VAL B 329 -22.07 26.84 -20.55
C VAL B 329 -22.14 27.14 -22.05
N ASP B 330 -21.22 28.00 -22.56
CA ASP B 330 -21.20 28.28 -23.99
C ASP B 330 -20.88 27.03 -24.80
N MET B 331 -19.96 26.19 -24.34
CA MET B 331 -19.73 24.93 -25.03
C MET B 331 -21.02 24.11 -25.11
N ALA B 332 -21.78 24.02 -24.01
CA ALA B 332 -23.00 23.21 -24.05
C ALA B 332 -23.95 23.71 -25.13
N TYR B 333 -24.20 25.02 -25.11
CA TYR B 333 -25.36 25.58 -25.80
C TYR B 333 -24.98 26.19 -27.15
N GLN B 334 -23.81 26.82 -27.24
CA GLN B 334 -23.40 27.49 -28.47
C GLN B 334 -22.67 26.52 -29.38
N THR B 335 -21.71 25.75 -28.85
CA THR B 335 -20.93 24.85 -29.68
C THR B 335 -21.68 23.56 -29.99
N LEU B 336 -22.31 22.97 -28.96
CA LEU B 336 -22.80 21.61 -29.01
C LEU B 336 -24.31 21.53 -29.21
N GLY B 337 -25.02 22.67 -29.12
CA GLY B 337 -26.44 22.73 -29.39
C GLY B 337 -27.26 21.88 -28.41
N LEU B 338 -26.81 21.77 -27.15
CA LEU B 338 -27.55 20.98 -26.19
C LEU B 338 -28.86 21.67 -25.83
N LYS B 339 -29.87 20.84 -25.54
CA LYS B 339 -31.20 21.32 -25.16
C LYS B 339 -31.82 20.60 -23.95
N ASP B 340 -31.26 19.45 -23.55
CA ASP B 340 -31.77 18.68 -22.42
C ASP B 340 -30.70 18.51 -21.33
N THR B 341 -29.73 19.42 -21.32
CA THR B 341 -28.64 19.46 -20.35
C THR B 341 -28.69 20.80 -19.64
N PHE B 342 -28.65 20.78 -18.30
CA PHE B 342 -28.85 21.96 -17.48
C PHE B 342 -27.82 22.02 -16.37
N PHE B 343 -27.40 23.24 -16.05
CA PHE B 343 -26.44 23.53 -15.01
C PHE B 343 -27.20 24.03 -13.79
N LEU B 344 -27.02 23.37 -12.64
CA LEU B 344 -27.75 23.70 -11.40
C LEU B 344 -26.85 24.23 -10.28
N GLY B 345 -25.54 24.37 -10.53
CA GLY B 345 -24.65 24.98 -9.56
C GLY B 345 -24.20 24.00 -8.48
N PRO B 346 -23.42 24.48 -7.50
CA PRO B 346 -23.07 23.69 -6.31
C PRO B 346 -24.33 23.44 -5.51
N GLN B 347 -24.39 22.30 -4.83
CA GLN B 347 -25.51 21.99 -3.96
C GLN B 347 -24.97 21.38 -2.68
N SER B 348 -25.80 21.46 -1.65
CA SER B 348 -25.54 20.82 -0.38
C SER B 348 -25.50 19.30 -0.56
N GLN B 349 -24.80 18.65 0.37
CA GLN B 349 -24.76 17.21 0.36
C GLN B 349 -26.16 16.62 0.48
N PRO B 350 -27.06 17.07 1.39
CA PRO B 350 -28.41 16.46 1.43
C PRO B 350 -29.17 16.60 0.11
N ASP B 351 -29.01 17.76 -0.56
CA ASP B 351 -29.60 17.98 -1.88
C ASP B 351 -29.05 16.99 -2.91
N LEU B 352 -27.73 16.79 -2.91
CA LEU B 352 -27.12 15.80 -3.83
C LEU B 352 -27.64 14.40 -3.54
N ALA B 353 -27.87 14.04 -2.26
CA ALA B 353 -28.37 12.71 -1.95
C ALA B 353 -29.76 12.54 -2.57
N ASN B 354 -30.59 13.58 -2.49
CA ASN B 354 -31.92 13.57 -3.10
C ASN B 354 -31.78 13.31 -4.60
N VAL B 355 -30.88 14.04 -5.24
CA VAL B 355 -30.70 13.89 -6.68
C VAL B 355 -30.20 12.50 -7.06
N TYR B 356 -29.09 12.09 -6.44
CA TYR B 356 -28.56 10.76 -6.70
C TYR B 356 -29.64 9.69 -6.47
N THR B 357 -30.52 9.82 -5.47
CA THR B 357 -31.60 8.86 -5.25
C THR B 357 -32.43 8.62 -6.52
N VAL B 358 -32.74 9.70 -7.23
CA VAL B 358 -33.62 9.54 -8.39
C VAL B 358 -32.85 9.51 -9.73
N ALA B 359 -31.53 9.48 -9.70
CA ALA B 359 -30.75 9.53 -10.92
C ALA B 359 -30.60 8.10 -11.46
N ASP B 360 -30.55 7.94 -12.79
CA ASP B 360 -30.35 6.63 -13.41
C ASP B 360 -28.91 6.21 -13.33
N VAL B 361 -27.99 7.16 -13.56
CA VAL B 361 -26.59 6.86 -13.62
C VAL B 361 -25.88 8.18 -13.45
N SER B 362 -24.70 8.16 -12.78
CA SER B 362 -23.84 9.33 -12.66
C SER B 362 -22.56 9.14 -13.47
N VAL B 363 -22.12 10.23 -14.08
CA VAL B 363 -20.96 10.21 -14.95
C VAL B 363 -19.93 11.18 -14.38
N PHE B 364 -18.75 10.66 -14.03
CA PHE B 364 -17.65 11.48 -13.54
C PHE B 364 -16.38 11.10 -14.28
N PRO B 365 -16.20 11.53 -15.55
CA PRO B 365 -15.16 11.00 -16.45
C PRO B 365 -13.82 11.70 -16.32
N SER B 366 -13.39 11.88 -15.07
CA SER B 366 -12.17 12.58 -14.73
C SER B 366 -10.95 11.88 -15.33
N HIS B 367 -9.95 12.67 -15.67
CA HIS B 367 -8.59 12.21 -15.92
C HIS B 367 -7.86 12.21 -14.57
N ASP B 368 -7.51 11.02 -14.06
CA ASP B 368 -6.74 10.87 -12.83
C ASP B 368 -7.43 11.57 -11.63
N GLU B 369 -8.72 11.31 -11.46
CA GLU B 369 -9.45 11.62 -10.23
C GLU B 369 -8.61 11.13 -9.07
N PRO B 370 -8.23 11.99 -8.11
CA PRO B 370 -7.37 11.54 -7.01
C PRO B 370 -7.91 10.34 -6.24
N PHE B 371 -9.14 10.44 -5.73
CA PHE B 371 -9.79 9.27 -5.15
C PHE B 371 -11.16 9.11 -5.82
N GLY B 372 -12.06 10.06 -5.54
CA GLY B 372 -13.39 10.09 -6.15
C GLY B 372 -14.50 9.93 -5.13
N LEU B 373 -14.53 10.83 -4.13
CA LEU B 373 -15.61 10.86 -3.16
C LEU B 373 -16.98 10.90 -3.85
N VAL B 374 -17.10 11.60 -4.98
CA VAL B 374 -18.43 11.71 -5.61
C VAL B 374 -19.00 10.34 -5.98
N PHE B 375 -18.12 9.40 -6.35
CA PHE B 375 -18.56 8.08 -6.75
C PHE B 375 -19.20 7.32 -5.57
N ILE B 376 -18.53 7.37 -4.43
CA ILE B 376 -18.95 6.59 -3.30
C ILE B 376 -20.21 7.19 -2.68
N GLU B 377 -20.38 8.52 -2.77
CA GLU B 377 -21.59 9.17 -2.36
C GLU B 377 -22.76 8.74 -3.23
N CYS B 378 -22.58 8.80 -4.56
CA CYS B 378 -23.59 8.36 -5.52
C CYS B 378 -24.00 6.90 -5.29
N MET B 379 -23.04 6.00 -5.21
CA MET B 379 -23.33 4.58 -5.00
C MET B 379 -24.06 4.37 -3.67
N GLY B 380 -23.66 5.13 -2.64
CA GLY B 380 -24.34 5.07 -1.35
C GLY B 380 -25.85 5.34 -1.45
N CYS B 381 -26.30 6.09 -2.47
CA CYS B 381 -27.71 6.39 -2.58
C CYS B 381 -28.44 5.40 -3.49
N GLY B 382 -27.71 4.39 -3.99
CA GLY B 382 -28.34 3.29 -4.71
C GLY B 382 -28.33 3.51 -6.23
N THR B 383 -27.28 4.18 -6.74
CA THR B 383 -27.23 4.60 -8.13
C THR B 383 -25.87 4.23 -8.68
N PRO B 384 -25.81 3.65 -9.89
CA PRO B 384 -24.54 3.27 -10.47
C PRO B 384 -23.74 4.43 -11.05
N VAL B 385 -22.45 4.17 -11.31
CA VAL B 385 -21.51 5.19 -11.68
C VAL B 385 -20.71 4.80 -12.89
N ILE B 386 -20.34 5.80 -13.68
CA ILE B 386 -19.45 5.68 -14.83
C ILE B 386 -18.32 6.69 -14.67
N GLY B 387 -17.10 6.17 -14.62
CA GLY B 387 -15.89 6.95 -14.68
C GLY B 387 -15.00 6.51 -15.83
N ALA B 388 -13.72 6.93 -15.75
CA ALA B 388 -12.66 6.60 -16.68
C ALA B 388 -11.65 5.66 -16.00
N LYS B 389 -10.91 4.90 -16.81
CA LYS B 389 -9.88 4.03 -16.27
C LYS B 389 -8.63 4.82 -15.93
N SER B 390 -8.70 5.65 -14.88
CA SER B 390 -7.53 6.34 -14.40
C SER B 390 -7.79 6.78 -12.96
N GLY B 391 -6.72 6.96 -12.18
CA GLY B 391 -6.81 7.45 -10.81
C GLY B 391 -7.54 6.47 -9.89
N GLY B 392 -8.09 7.05 -8.82
CA GLY B 392 -8.68 6.29 -7.73
C GLY B 392 -9.80 5.36 -8.17
N PRO B 393 -10.71 5.76 -9.10
CA PRO B 393 -11.81 4.88 -9.52
C PRO B 393 -11.37 3.50 -10.01
N LEU B 394 -10.12 3.39 -10.49
CA LEU B 394 -9.54 2.12 -10.90
C LEU B 394 -9.53 1.13 -9.75
N ASP B 395 -9.45 1.63 -8.51
CA ASP B 395 -9.28 0.76 -7.37
C ASP B 395 -10.63 0.22 -6.89
N PHE B 396 -11.77 0.89 -7.18
CA PHE B 396 -12.99 0.49 -6.52
C PHE B 396 -14.22 0.34 -7.42
N VAL B 397 -14.18 0.87 -8.64
CA VAL B 397 -15.33 0.74 -9.54
C VAL B 397 -15.18 -0.58 -10.29
N ASN B 398 -16.20 -1.43 -10.20
CA ASN B 398 -16.22 -2.73 -10.86
C ASN B 398 -17.56 -2.90 -11.57
N ASP B 399 -17.72 -4.05 -12.24
CA ASP B 399 -18.85 -4.31 -13.11
C ASP B 399 -20.16 -4.30 -12.34
N GLU B 400 -20.13 -4.66 -11.04
CA GLU B 400 -21.35 -4.83 -10.26
C GLU B 400 -21.95 -3.46 -9.90
N VAL B 401 -21.18 -2.37 -10.06
CA VAL B 401 -21.67 -1.08 -9.57
C VAL B 401 -21.57 0.00 -10.62
N GLY B 402 -21.01 -0.29 -11.79
CA GLY B 402 -20.96 0.68 -12.85
C GLY B 402 -19.95 0.26 -13.90
N ALA B 403 -19.19 1.23 -14.40
CA ALA B 403 -18.20 0.94 -15.41
C ALA B 403 -17.19 2.07 -15.51
N LEU B 404 -15.99 1.73 -15.97
CA LEU B 404 -14.95 2.69 -16.29
C LEU B 404 -14.67 2.62 -17.78
N VAL B 405 -14.71 3.76 -18.46
CA VAL B 405 -14.41 3.81 -19.89
C VAL B 405 -12.88 3.86 -20.09
N ASP B 406 -12.44 3.32 -21.22
CA ASP B 406 -11.06 3.41 -21.67
C ASP B 406 -10.61 4.86 -21.79
N GLU B 407 -9.41 5.13 -21.25
CA GLU B 407 -8.77 6.43 -21.36
C GLU B 407 -8.42 6.78 -22.79
N GLY B 408 -8.29 8.09 -23.02
CA GLY B 408 -7.95 8.62 -24.33
C GLY B 408 -8.14 10.12 -24.36
N THR B 409 -8.35 10.68 -25.56
CA THR B 409 -8.60 12.12 -25.69
C THR B 409 -9.98 12.40 -25.08
N ASN B 410 -10.25 13.68 -24.89
CA ASN B 410 -11.53 14.14 -24.40
C ASN B 410 -12.66 13.67 -25.31
N ASP B 411 -12.45 13.70 -26.64
CA ASP B 411 -13.49 13.31 -27.58
C ASP B 411 -13.67 11.81 -27.56
N GLU B 412 -12.57 11.06 -27.37
CA GLU B 412 -12.68 9.61 -27.26
C GLU B 412 -13.45 9.21 -26.01
N VAL B 413 -13.14 9.86 -24.89
CA VAL B 413 -13.83 9.56 -23.64
C VAL B 413 -15.31 9.92 -23.78
N ALA B 414 -15.59 11.00 -24.48
CA ALA B 414 -16.96 11.40 -24.74
C ALA B 414 -17.76 10.26 -25.37
N GLU B 415 -17.20 9.69 -26.45
CA GLU B 415 -17.88 8.67 -27.21
C GLU B 415 -18.12 7.46 -26.31
N ARG B 416 -17.12 7.12 -25.49
CA ARG B 416 -17.21 5.93 -24.64
C ARG B 416 -18.22 6.15 -23.52
N VAL B 417 -18.31 7.38 -23.00
CA VAL B 417 -19.31 7.75 -22.00
C VAL B 417 -20.72 7.59 -22.61
N TYR B 418 -20.84 8.10 -23.84
CA TYR B 418 -22.05 7.92 -24.63
C TYR B 418 -22.46 6.44 -24.66
N ALA B 419 -21.52 5.56 -25.04
CA ALA B 419 -21.82 4.13 -25.18
C ALA B 419 -22.22 3.53 -23.83
N ALA B 420 -21.48 3.88 -22.77
CA ALA B 420 -21.73 3.35 -21.44
C ALA B 420 -23.09 3.79 -20.91
N VAL B 421 -23.41 5.07 -21.07
CA VAL B 421 -24.71 5.57 -20.63
C VAL B 421 -25.82 4.85 -21.40
N LYS B 422 -25.68 4.76 -22.73
CA LYS B 422 -26.67 4.08 -23.56
C LYS B 422 -26.88 2.65 -23.05
N GLN B 423 -25.78 1.95 -22.76
CA GLN B 423 -25.88 0.61 -22.23
C GLN B 423 -26.55 0.62 -20.86
N ALA B 424 -26.14 1.58 -20.00
CA ALA B 424 -26.68 1.60 -18.64
C ALA B 424 -28.19 1.81 -18.70
N LEU B 425 -28.66 2.65 -19.63
CA LEU B 425 -30.08 2.92 -19.67
C LEU B 425 -30.85 1.75 -20.32
N ALA B 426 -30.30 1.14 -21.35
CA ALA B 426 -30.98 0.02 -22.02
C ALA B 426 -31.13 -1.17 -21.08
N GLU B 427 -30.10 -1.40 -20.24
CA GLU B 427 -30.09 -2.48 -19.29
C GLU B 427 -30.67 -2.10 -17.93
N ASP B 428 -31.04 -0.82 -17.76
CA ASP B 428 -31.56 -0.30 -16.51
C ASP B 428 -30.63 -0.68 -15.36
N TRP B 429 -29.37 -0.18 -15.38
CA TRP B 429 -28.46 -0.41 -14.25
C TRP B 429 -28.99 0.10 -12.91
N LYS B 430 -29.79 1.17 -12.90
CA LYS B 430 -30.41 1.59 -11.67
C LYS B 430 -31.14 0.42 -11.02
N LYS B 431 -31.95 -0.27 -11.84
CA LYS B 431 -32.67 -1.47 -11.43
C LYS B 431 -31.71 -2.63 -11.10
N THR B 432 -30.79 -2.98 -12.01
CA THR B 432 -30.05 -4.22 -11.88
C THR B 432 -28.81 -4.07 -10.99
N LYS B 433 -28.36 -2.84 -10.70
CA LYS B 433 -27.08 -2.69 -9.99
C LYS B 433 -27.19 -1.85 -8.72
N GLY B 434 -28.32 -1.18 -8.53
CA GLY B 434 -28.44 -0.11 -7.55
C GLY B 434 -28.38 -0.65 -6.13
N ALA B 435 -28.98 -1.84 -5.94
CA ALA B 435 -28.94 -2.53 -4.67
C ALA B 435 -27.51 -2.82 -4.26
N GLN B 436 -26.70 -3.33 -5.21
CA GLN B 436 -25.32 -3.70 -4.99
C GLN B 436 -24.53 -2.40 -4.72
N CYS B 437 -24.90 -1.30 -5.42
CA CYS B 437 -24.20 -0.03 -5.24
C CYS B 437 -24.29 0.38 -3.78
N GLU B 438 -25.51 0.45 -3.26
CA GLU B 438 -25.77 0.90 -1.91
C GLU B 438 -25.02 0.00 -0.93
N GLN B 439 -25.11 -1.32 -1.15
CA GLN B 439 -24.52 -2.31 -0.26
C GLN B 439 -22.99 -2.23 -0.21
N TYR B 440 -22.37 -2.16 -1.40
CA TYR B 440 -20.94 -2.03 -1.56
C TYR B 440 -20.40 -0.79 -0.83
N ALA B 441 -21.04 0.36 -1.08
CA ALA B 441 -20.58 1.61 -0.48
C ALA B 441 -20.70 1.55 1.05
N LEU B 442 -21.89 1.13 1.49
CA LEU B 442 -22.18 1.07 2.91
C LEU B 442 -21.15 0.18 3.59
N LYS B 443 -20.79 -0.93 2.96
CA LYS B 443 -20.05 -1.97 3.65
C LYS B 443 -18.56 -1.63 3.70
N LYS B 444 -18.04 -0.95 2.66
CA LYS B 444 -16.62 -0.74 2.52
C LYS B 444 -16.17 0.70 2.78
N PHE B 445 -17.05 1.69 2.58
CA PHE B 445 -16.59 3.07 2.43
C PHE B 445 -17.29 4.04 3.39
N SER B 446 -17.95 3.57 4.44
CA SER B 446 -18.59 4.49 5.37
C SER B 446 -17.51 5.30 6.05
N LEU B 447 -17.77 6.58 6.37
CA LEU B 447 -16.85 7.42 7.12
C LEU B 447 -16.21 6.67 8.28
N ALA B 448 -17.04 6.01 9.12
CA ALA B 448 -16.54 5.40 10.35
C ALA B 448 -15.55 4.27 10.05
N SER B 449 -15.89 3.40 9.09
CA SER B 449 -15.05 2.28 8.70
C SER B 449 -13.69 2.76 8.21
N GLN B 450 -13.69 3.85 7.45
CA GLN B 450 -12.45 4.36 6.89
C GLN B 450 -11.63 5.06 7.99
N ALA B 451 -12.28 5.66 9.01
CA ALA B 451 -11.53 6.32 10.08
C ALA B 451 -10.88 5.29 11.01
N GLU B 452 -11.60 4.21 11.32
CA GLU B 452 -11.05 3.04 12.00
C GLU B 452 -9.79 2.49 11.34
N LEU B 453 -9.83 2.31 10.02
CA LEU B 453 -8.69 1.85 9.26
C LEU B 453 -7.55 2.86 9.37
N MET B 454 -7.85 4.14 9.14
CA MET B 454 -6.86 5.20 9.25
C MET B 454 -6.17 5.15 10.61
N LEU B 455 -6.94 5.07 11.71
CA LEU B 455 -6.31 5.14 13.02
C LEU B 455 -5.54 3.86 13.30
N GLU B 456 -5.98 2.71 12.76
CA GLU B 456 -5.25 1.46 12.95
C GLU B 456 -3.87 1.63 12.32
N PHE B 457 -3.85 2.26 11.14
CA PHE B 457 -2.62 2.51 10.43
C PHE B 457 -1.73 3.47 11.22
N VAL B 458 -2.32 4.56 11.74
CA VAL B 458 -1.53 5.48 12.55
C VAL B 458 -0.89 4.73 13.71
N GLU B 459 -1.70 4.00 14.46
CA GLU B 459 -1.26 3.33 15.68
C GLU B 459 -0.11 2.38 15.37
N SER B 460 -0.13 1.73 14.21
CA SER B 460 0.80 0.63 13.97
C SER B 460 1.95 1.06 13.07
N HIS B 461 2.02 2.32 12.61
CA HIS B 461 3.16 2.77 11.85
C HIS B 461 3.80 4.08 12.33
N PHE B 462 3.01 4.94 12.98
CA PHE B 462 3.40 6.35 13.12
C PHE B 462 3.53 6.78 14.58
N THR B 463 3.27 5.92 15.57
CA THR B 463 3.23 6.40 16.94
C THR B 463 4.50 6.10 17.72
CA CA C . 3.85 -23.70 8.87
CA CA D . -13.70 -26.71 -15.92
C1 GOL E . 15.11 -21.60 12.17
O1 GOL E . 14.67 -21.72 10.83
C2 GOL E . 15.72 -22.88 12.66
O2 GOL E . 16.77 -23.27 11.75
C3 GOL E . 16.30 -22.81 14.05
O3 GOL E . 17.62 -23.35 14.09
C1 GOL F . 21.63 -30.15 16.31
O1 GOL F . 20.27 -29.92 15.94
C2 GOL F . 22.53 -29.15 15.61
O2 GOL F . 23.90 -29.28 16.00
C3 GOL F . 22.42 -29.26 14.11
O3 GOL F . 22.67 -30.59 13.65
C1 GOL G . 5.46 -7.65 -8.50
O1 GOL G . 6.13 -8.52 -9.40
C2 GOL G . 6.00 -7.80 -7.09
O2 GOL G . 7.37 -7.37 -7.05
C3 GOL G . 5.22 -7.04 -6.05
O3 GOL G . 5.85 -7.11 -4.77
N1 UPG H . 16.75 -11.89 0.17
C2 UPG H . 16.75 -10.73 -0.57
N3 UPG H . 17.46 -9.71 0.00
C4 UPG H . 18.15 -9.72 1.19
C5 UPG H . 18.09 -10.95 1.90
C6 UPG H . 17.40 -11.97 1.39
O2 UPG H . 16.15 -10.65 -1.64
O4 UPG H . 18.77 -8.72 1.55
C1C UPG H . 15.99 -13.00 -0.38
C2C UPG H . 16.87 -13.90 -1.25
O2C UPG H . 16.12 -14.46 -2.32
C3C UPG H . 17.27 -14.95 -0.22
C4C UPG H . 15.95 -15.13 0.52
O4C UPG H . 15.45 -13.78 0.67
O3C UPG H . 17.68 -16.21 -0.76
C5C UPG H . 16.02 -15.80 1.84
O5C UPG H . 16.92 -15.12 2.69
PA UPG H . 17.09 -15.60 4.22
O1A UPG H . 17.76 -14.50 4.96
O2A UPG H . 17.69 -16.97 4.23
O3A UPG H . 15.62 -15.78 4.78
PB UPG H . 14.80 -16.84 5.61
O1B UPG H . 13.49 -16.20 5.85
O2B UPG H . 15.61 -17.25 6.80
O3B UPG H . 14.69 -18.04 4.56
C1' UPG H . 13.85 -19.13 4.84
C2' UPG H . 14.75 -20.31 5.23
C3' UPG H . 15.60 -20.75 4.03
C4' UPG H . 14.68 -21.02 2.85
C5' UPG H . 13.82 -19.79 2.54
C6' UPG H . 12.84 -20.00 1.43
O2' UPG H . 15.54 -19.96 6.33
O3' UPG H . 16.50 -21.87 4.29
O4' UPG H . 15.52 -21.23 1.73
O5' UPG H . 13.07 -19.40 3.68
O6' UPG H . 11.97 -21.08 1.67
CA CA I . -0.29 19.37 0.10
C1 GOL J . -19.67 24.05 9.76
O1 GOL J . -19.42 24.33 8.39
C2 GOL J . -20.95 23.29 9.94
O2 GOL J . -21.18 22.41 8.82
C3 GOL J . -20.98 22.53 11.24
O3 GOL J . -21.92 21.47 11.21
C1 GOL K . -3.04 21.32 30.90
O1 GOL K . -2.96 22.59 31.52
C2 GOL K . -2.69 20.21 31.86
O2 GOL K . -2.73 20.75 33.19
C3 GOL K . -3.62 19.02 31.74
O3 GOL K . -3.01 17.81 32.19
C1 GOL L . -5.83 15.38 -11.95
O1 GOL L . -5.19 15.61 -13.21
C2 GOL L . -4.93 15.79 -10.80
O2 GOL L . -4.42 17.09 -11.03
C3 GOL L . -5.62 15.73 -9.44
O3 GOL L . -5.98 17.02 -8.95
C1 GOL M . -23.73 24.33 2.51
O1 GOL M . -24.53 23.16 2.65
C2 GOL M . -24.25 25.26 1.45
O2 GOL M . -25.67 25.37 1.57
C3 GOL M . -23.64 26.65 1.51
O3 GOL M . -24.48 27.62 0.89
N1 UPG N . -19.56 18.68 -3.06
C2 UPG N . -20.72 19.21 -2.59
N3 UPG N . -21.41 20.00 -3.48
C4 UPG N . -21.10 20.23 -4.80
C5 UPG N . -19.88 19.63 -5.23
C6 UPG N . -19.17 18.88 -4.36
O2 UPG N . -21.08 19.03 -1.45
O4 UPG N . -21.85 20.94 -5.51
C1C UPG N . -18.81 17.82 -2.13
C2C UPG N . -19.20 16.33 -2.25
O2C UPG N . -19.07 15.69 -0.98
C3C UPG N . -18.09 15.84 -3.16
C4C UPG N . -16.88 16.60 -2.62
O4C UPG N . -17.43 17.91 -2.40
O3C UPG N . -17.91 14.45 -3.03
C5C UPG N . -15.69 16.72 -3.55
O5C UPG N . -16.16 17.22 -4.84
PA UPG N . -15.07 17.39 -5.99
O1A UPG N . -15.65 18.33 -6.98
O2A UPG N . -14.56 16.05 -6.42
O3A UPG N . -13.92 18.19 -5.20
PB UPG N . -12.32 18.10 -5.23
O1B UPG N . -11.84 19.30 -4.49
O2B UPG N . -11.79 17.92 -6.60
O3B UPG N . -12.05 16.70 -4.52
C1' UPG N . -10.79 16.29 -4.08
C2' UPG N . -10.32 15.15 -5.01
C3' UPG N . -11.19 13.93 -4.83
C4' UPG N . -11.14 13.52 -3.36
C5' UPG N . -11.65 14.71 -2.50
C6' UPG N . -11.56 14.47 -0.98
O2' UPG N . -10.29 15.63 -6.35
O3' UPG N . -10.82 12.85 -5.70
O4' UPG N . -11.99 12.41 -3.15
O5' UPG N . -10.87 15.84 -2.72
O6' UPG N . -10.19 14.28 -0.57
#